data_5HY5
#
_entry.id   5HY5
#
_cell.length_a   171.660
_cell.length_b   101.570
_cell.length_c   83.120
_cell.angle_alpha   90.00
_cell.angle_beta   99.08
_cell.angle_gamma   90.00
#
_symmetry.space_group_name_H-M   'C 1 2 1'
#
loop_
_entity.id
_entity.type
_entity.pdbx_description
1 polymer 'Tryptophan 6-halogenase'
2 non-polymer 'FLAVIN-ADENINE DINUCLEOTIDE'
3 non-polymer 'CHLORIDE ION'
4 water water
#
_entity_poly.entity_id   1
_entity_poly.type   'polypeptide(L)'
_entity_poly.pdbx_seq_one_letter_code
;MNTRNPDKVVIVGGGTAGWMTASYLKKAFGERVSVTLVESGTIGTVGVGEATFSDIRHFFEFLDLREEEWMPACNATYKL
AVRFQDWQRPGHHFYHPFEQMRSVDGFPLTDWWLQNGPTDRFDRDCFVMASLCDAGRSPRYLNGSLLQQEFDERAEEPAG
LTMSEHQGKTQFPYAYHFEAALLAEFLSGYSKDRGVKHVVDEVLEVKLDDRGWISHVVTKEHGDIGGDLFVDCTGFRGVL
LNQALGVPFVSYQDTLPNDSAVALQVPLDMEARGIPPYTRATAKEAGWIWTIPLIGRIGTGYVYAKDYCSPEEAERTLRE
FVGPEAADVEANHIRMRIGRSEQSWKNNCVAIGLSSGFVEPLESTGIFFIHHAIEQLVKHFPAGDWHPQLRAGYNSAVAN
VMDGVREFLVLHYLGAARNDTRYWKDTKTRAVPDALAERIERWKVQLPDSENVFPYYHGLPPYSYMAILLGTGAIGLRPS
PALALADPAAAEKEFTAIRDRARFLVDTLPSQYEYFAAMGQRV
;
_entity_poly.pdbx_strand_id   A,B
#
# COMPACT_ATOMS: atom_id res chain seq x y z
N ARG A 4 9.56 -32.29 16.85
CA ARG A 4 10.99 -32.00 16.95
C ARG A 4 11.72 -32.54 15.72
N ASN A 5 11.10 -33.49 15.03
CA ASN A 5 11.62 -33.99 13.77
C ASN A 5 11.31 -33.00 12.65
N PRO A 6 12.29 -32.73 11.78
CA PRO A 6 12.14 -31.78 10.68
C PRO A 6 10.99 -32.13 9.74
N ASP A 7 10.17 -31.15 9.41
CA ASP A 7 9.08 -31.35 8.44
C ASP A 7 9.66 -31.75 7.09
N LYS A 8 9.04 -32.74 6.46
CA LYS A 8 9.53 -33.25 5.19
C LYS A 8 8.74 -32.66 4.02
N VAL A 9 9.45 -31.98 3.12
CA VAL A 9 8.83 -31.38 1.95
C VAL A 9 9.27 -32.11 0.70
N VAL A 10 8.30 -32.56 -0.09
CA VAL A 10 8.58 -33.24 -1.35
C VAL A 10 8.19 -32.35 -2.51
N ILE A 11 9.17 -32.04 -3.37
CA ILE A 11 8.93 -31.21 -4.54
C ILE A 11 8.94 -32.06 -5.79
N VAL A 12 7.86 -31.99 -6.57
CA VAL A 12 7.75 -32.77 -7.80
C VAL A 12 7.90 -31.87 -9.01
N GLY A 13 9.07 -31.91 -9.64
CA GLY A 13 9.33 -31.08 -10.81
C GLY A 13 10.68 -30.40 -10.76
N GLY A 14 11.43 -30.52 -11.86
CA GLY A 14 12.76 -29.94 -11.93
C GLY A 14 12.87 -28.72 -12.83
N GLY A 15 11.75 -28.03 -13.01
CA GLY A 15 11.73 -26.80 -13.78
C GLY A 15 12.23 -25.62 -12.98
N THR A 16 11.95 -24.42 -13.45
CA THR A 16 12.35 -23.20 -12.75
C THR A 16 11.60 -23.09 -11.42
N ALA A 17 10.33 -23.47 -11.43
CA ALA A 17 9.49 -23.42 -10.24
C ALA A 17 10.02 -24.32 -9.14
N GLY A 18 10.40 -25.54 -9.51
CA GLY A 18 10.88 -26.53 -8.56
C GLY A 18 12.16 -26.15 -7.83
N TRP A 19 13.12 -25.63 -8.58
CA TRP A 19 14.42 -25.28 -8.00
C TRP A 19 14.41 -23.93 -7.30
N MET A 20 13.51 -23.04 -7.73
CA MET A 20 13.31 -21.79 -7.01
C MET A 20 12.68 -22.06 -5.67
N THR A 21 11.84 -23.10 -5.62
CA THR A 21 11.18 -23.49 -4.38
C THR A 21 12.15 -24.19 -3.43
N ALA A 22 12.91 -25.12 -3.97
CA ALA A 22 13.84 -25.91 -3.17
C ALA A 22 14.94 -25.05 -2.55
N SER A 23 15.47 -24.12 -3.34
CA SER A 23 16.56 -23.26 -2.88
C SER A 23 16.06 -22.23 -1.86
N TYR A 24 14.87 -21.70 -2.11
CA TYR A 24 14.28 -20.69 -1.23
C TYR A 24 13.87 -21.32 0.11
N LEU A 25 13.26 -22.50 0.03
CA LEU A 25 12.82 -23.20 1.23
C LEU A 25 13.99 -23.65 2.09
N LYS A 26 15.07 -24.06 1.43
CA LYS A 26 16.25 -24.55 2.14
C LYS A 26 17.04 -23.40 2.74
N LYS A 27 17.03 -22.26 2.07
CA LYS A 27 17.70 -21.07 2.59
C LYS A 27 16.95 -20.51 3.78
N ALA A 28 15.62 -20.59 3.74
CA ALA A 28 14.78 -20.01 4.78
C ALA A 28 14.83 -20.80 6.08
N PHE A 29 14.82 -22.12 5.98
CA PHE A 29 14.69 -22.96 7.17
C PHE A 29 15.94 -23.78 7.49
N GLY A 30 16.83 -23.92 6.51
CA GLY A 30 18.05 -24.68 6.73
C GLY A 30 17.81 -26.16 6.92
N GLU A 31 18.47 -26.74 7.93
CA GLU A 31 18.32 -28.16 8.22
C GLU A 31 17.07 -28.45 9.03
N ARG A 32 16.36 -27.40 9.42
CA ARG A 32 15.11 -27.56 10.16
C ARG A 32 14.01 -28.11 9.24
N VAL A 33 14.26 -28.07 7.94
CA VAL A 33 13.33 -28.58 6.96
C VAL A 33 14.04 -29.47 5.95
N SER A 34 13.54 -30.69 5.78
CA SER A 34 14.08 -31.61 4.80
C SER A 34 13.42 -31.40 3.44
N VAL A 35 14.23 -31.21 2.41
CA VAL A 35 13.71 -30.95 1.07
C VAL A 35 14.17 -32.01 0.08
N THR A 36 13.22 -32.71 -0.52
CA THR A 36 13.51 -33.71 -1.55
C THR A 36 12.82 -33.34 -2.85
N LEU A 37 13.61 -33.15 -3.90
CA LEU A 37 13.06 -32.78 -5.20
C LEU A 37 13.08 -33.95 -6.17
N VAL A 38 11.89 -34.35 -6.62
CA VAL A 38 11.77 -35.44 -7.58
C VAL A 38 11.41 -34.88 -8.95
N GLU A 39 12.22 -35.19 -9.95
CA GLU A 39 11.97 -34.71 -11.30
C GLU A 39 12.14 -35.82 -12.33
N SER A 40 11.40 -35.70 -13.43
CA SER A 40 11.48 -36.68 -14.52
C SER A 40 12.72 -36.45 -15.37
N GLY A 41 13.31 -37.54 -15.84
CA GLY A 41 14.47 -37.47 -16.70
C GLY A 41 14.13 -37.52 -18.17
N THR A 42 12.88 -37.90 -18.46
CA THR A 42 12.42 -38.01 -19.84
C THR A 42 11.51 -36.85 -20.23
N ILE A 43 10.78 -36.32 -19.24
CA ILE A 43 9.92 -35.18 -19.48
C ILE A 43 10.74 -33.89 -19.42
N GLY A 44 10.68 -33.10 -20.49
CA GLY A 44 11.43 -31.87 -20.55
C GLY A 44 10.75 -30.69 -19.91
N THR A 45 11.53 -29.66 -19.61
CA THR A 45 10.98 -28.42 -19.07
C THR A 45 10.38 -27.59 -20.20
N VAL A 46 9.69 -26.52 -19.86
CA VAL A 46 8.93 -25.77 -20.86
C VAL A 46 9.86 -25.05 -21.84
N GLY A 47 11.13 -24.88 -21.47
CA GLY A 47 12.13 -24.37 -22.39
C GLY A 47 12.21 -22.86 -22.53
N VAL A 48 11.23 -22.15 -21.98
CA VAL A 48 11.23 -20.70 -22.05
C VAL A 48 11.03 -20.09 -20.67
N GLY A 49 10.78 -18.78 -20.63
CA GLY A 49 10.69 -18.06 -19.37
C GLY A 49 12.01 -17.39 -19.06
N GLU A 50 12.31 -16.31 -19.77
CA GLU A 50 13.65 -15.75 -19.76
C GLU A 50 13.71 -14.25 -19.47
N ALA A 51 12.57 -13.68 -19.07
CA ALA A 51 12.53 -12.28 -18.64
C ALA A 51 11.78 -12.17 -17.33
N THR A 52 12.26 -11.33 -16.43
CA THR A 52 11.68 -11.25 -15.09
C THR A 52 11.00 -9.91 -14.81
N PHE A 53 10.46 -9.80 -13.59
CA PHE A 53 9.67 -8.65 -13.18
C PHE A 53 10.42 -7.83 -12.13
N SER A 54 9.81 -6.75 -11.67
CA SER A 54 10.46 -5.84 -10.73
C SER A 54 10.72 -6.45 -9.35
N ASP A 55 10.18 -7.65 -9.14
CA ASP A 55 10.30 -8.34 -7.86
C ASP A 55 11.60 -9.12 -7.74
N ILE A 56 12.21 -9.41 -8.88
CA ILE A 56 13.23 -10.45 -8.99
C ILE A 56 14.49 -10.20 -8.15
N ARG A 57 14.81 -8.94 -7.91
CA ARG A 57 16.04 -8.62 -7.16
C ARG A 57 15.96 -9.12 -5.73
N HIS A 58 14.76 -9.15 -5.17
CA HIS A 58 14.55 -9.62 -3.80
C HIS A 58 14.87 -11.10 -3.67
N PHE A 59 14.61 -11.86 -4.73
CA PHE A 59 14.81 -13.31 -4.72
C PHE A 59 16.28 -13.68 -4.56
N PHE A 60 17.15 -13.00 -5.29
CA PHE A 60 18.58 -13.29 -5.24
C PHE A 60 19.22 -12.75 -3.96
N GLU A 61 18.66 -11.66 -3.44
CA GLU A 61 19.14 -11.10 -2.19
C GLU A 61 18.79 -12.00 -1.01
N PHE A 62 17.62 -12.63 -1.09
CA PHE A 62 17.19 -13.59 -0.07
C PHE A 62 18.10 -14.81 -0.08
N LEU A 63 18.52 -15.22 -1.28
CA LEU A 63 19.38 -16.38 -1.45
C LEU A 63 20.84 -16.05 -1.13
N ASP A 64 21.09 -14.80 -0.76
CA ASP A 64 22.43 -14.31 -0.47
C ASP A 64 23.33 -14.51 -1.69
N LEU A 65 22.82 -14.12 -2.86
CA LEU A 65 23.56 -14.25 -4.10
C LEU A 65 23.79 -12.89 -4.75
N ARG A 66 25.05 -12.53 -4.94
CA ARG A 66 25.38 -11.30 -5.65
C ARG A 66 25.44 -11.58 -7.15
N GLU A 67 25.31 -10.53 -7.95
CA GLU A 67 25.25 -10.65 -9.40
C GLU A 67 26.52 -11.28 -9.98
N GLU A 68 27.63 -11.13 -9.27
CA GLU A 68 28.91 -11.67 -9.72
C GLU A 68 28.88 -13.20 -9.76
N GLU A 69 28.08 -13.78 -8.88
CA GLU A 69 28.10 -15.22 -8.67
C GLU A 69 27.22 -16.00 -9.64
N TRP A 70 26.13 -15.39 -10.11
CA TRP A 70 25.13 -16.14 -10.86
C TRP A 70 24.89 -15.64 -12.29
N MET A 71 25.05 -14.33 -12.51
CA MET A 71 24.75 -13.75 -13.82
C MET A 71 25.62 -14.28 -14.98
N PRO A 72 26.95 -14.41 -14.77
CA PRO A 72 27.73 -14.93 -15.90
C PRO A 72 27.39 -16.36 -16.28
N ALA A 73 26.98 -17.17 -15.30
CA ALA A 73 26.69 -18.58 -15.55
C ALA A 73 25.35 -18.78 -16.23
N CYS A 74 24.57 -17.70 -16.35
CA CYS A 74 23.24 -17.79 -16.92
C CYS A 74 23.08 -16.92 -18.17
N ASN A 75 24.20 -16.36 -18.63
CA ASN A 75 24.20 -15.44 -19.77
C ASN A 75 23.25 -14.28 -19.51
N ALA A 76 23.16 -13.86 -18.26
CA ALA A 76 22.16 -12.90 -17.84
C ALA A 76 22.49 -11.46 -18.23
N THR A 77 21.45 -10.69 -18.53
CA THR A 77 21.59 -9.27 -18.83
C THR A 77 20.59 -8.48 -17.98
N TYR A 78 20.68 -7.15 -18.04
CA TYR A 78 19.79 -6.29 -17.25
C TYR A 78 18.52 -5.94 -18.01
N LYS A 79 17.42 -5.80 -17.27
CA LYS A 79 16.15 -5.38 -17.85
C LYS A 79 15.59 -4.18 -17.08
N LEU A 80 15.55 -3.03 -17.74
CA LEU A 80 15.10 -1.80 -17.10
C LEU A 80 13.63 -1.52 -17.39
N ALA A 81 13.11 -2.12 -18.45
CA ALA A 81 11.74 -1.85 -18.88
C ALA A 81 11.23 -2.88 -19.87
N VAL A 82 9.97 -2.73 -20.27
CA VAL A 82 9.41 -3.48 -21.39
C VAL A 82 9.06 -2.48 -22.48
N ARG A 83 9.68 -2.65 -23.65
CA ARG A 83 9.40 -1.77 -24.78
C ARG A 83 8.22 -2.30 -25.58
N PHE A 84 7.11 -1.56 -25.54
CA PHE A 84 5.94 -1.94 -26.32
C PHE A 84 5.98 -1.27 -27.69
N GLN A 85 6.10 -2.10 -28.73
CA GLN A 85 6.29 -1.60 -30.09
C GLN A 85 5.03 -1.74 -30.93
N ASP A 86 4.66 -0.65 -31.60
CA ASP A 86 3.57 -0.63 -32.58
C ASP A 86 2.20 -1.00 -31.99
N TRP A 87 2.00 -0.73 -30.70
CA TRP A 87 0.74 -1.04 -30.06
C TRP A 87 -0.30 0.06 -30.30
N GLN A 88 0.17 1.28 -30.55
CA GLN A 88 -0.73 2.38 -30.87
C GLN A 88 -0.77 2.63 -32.37
N ARG A 89 0.40 2.72 -32.98
CA ARG A 89 0.52 2.99 -34.41
C ARG A 89 1.90 2.59 -34.91
N PRO A 90 2.00 2.20 -36.18
CA PRO A 90 3.26 1.73 -36.78
C PRO A 90 4.43 2.68 -36.61
N GLY A 91 5.54 2.18 -36.06
CA GLY A 91 6.76 2.95 -35.96
C GLY A 91 6.95 3.76 -34.69
N HIS A 92 6.12 3.51 -33.69
CA HIS A 92 6.21 4.23 -32.43
C HIS A 92 6.25 3.29 -31.23
N HIS A 93 6.92 3.72 -30.16
CA HIS A 93 7.10 2.87 -29.00
C HIS A 93 7.09 3.67 -27.70
N PHE A 94 6.75 2.99 -26.60
CA PHE A 94 6.84 3.57 -25.27
C PHE A 94 7.34 2.52 -24.31
N TYR A 95 7.90 2.95 -23.19
CA TYR A 95 8.45 2.00 -22.23
C TYR A 95 7.59 1.89 -20.97
N HIS A 96 7.52 0.67 -20.44
CA HIS A 96 6.98 0.44 -19.11
C HIS A 96 8.15 0.18 -18.18
N PRO A 97 8.70 1.23 -17.57
CA PRO A 97 9.95 1.14 -16.81
C PRO A 97 9.76 0.65 -15.39
N PHE A 98 10.80 0.04 -14.85
CA PHE A 98 10.84 -0.33 -13.44
C PHE A 98 11.44 0.83 -12.66
N GLU A 99 10.67 1.91 -12.57
CA GLU A 99 11.12 3.14 -11.93
C GLU A 99 9.96 3.81 -11.21
N GLN A 100 10.21 4.28 -10.00
CA GLN A 100 9.17 4.91 -9.19
C GLN A 100 8.70 6.22 -9.81
N MET A 101 7.39 6.48 -9.73
CA MET A 101 6.80 7.68 -10.26
C MET A 101 6.96 8.86 -9.31
N ARG A 102 7.54 9.95 -9.81
CA ARG A 102 7.73 11.15 -9.02
C ARG A 102 6.44 11.97 -9.00
N SER A 103 6.19 12.65 -7.87
CA SER A 103 5.00 13.48 -7.74
C SER A 103 5.39 14.91 -7.42
N VAL A 104 4.59 15.87 -7.88
CA VAL A 104 4.81 17.27 -7.59
C VAL A 104 3.56 17.87 -6.98
N ASP A 105 3.66 18.30 -5.73
CA ASP A 105 2.56 18.92 -4.99
C ASP A 105 1.34 18.00 -4.90
N GLY A 106 1.58 16.71 -4.69
CA GLY A 106 0.50 15.75 -4.51
C GLY A 106 -0.06 15.18 -5.80
N PHE A 107 0.55 15.53 -6.92
CA PHE A 107 0.11 15.02 -8.22
C PHE A 107 1.25 14.31 -8.94
N PRO A 108 0.97 13.11 -9.48
CA PRO A 108 1.98 12.36 -10.24
C PRO A 108 2.43 13.13 -11.48
N LEU A 109 3.67 12.92 -11.90
CA LEU A 109 4.26 13.69 -12.98
C LEU A 109 3.53 13.47 -14.31
N THR A 110 2.92 12.31 -14.46
CA THR A 110 2.14 12.00 -15.67
C THR A 110 0.89 12.85 -15.74
N ASP A 111 0.35 13.23 -14.58
CA ASP A 111 -0.81 14.09 -14.53
C ASP A 111 -0.43 15.49 -14.97
N TRP A 112 0.74 15.94 -14.54
CA TRP A 112 1.29 17.21 -14.98
C TRP A 112 1.58 17.16 -16.47
N TRP A 113 2.03 16.01 -16.94
CA TRP A 113 2.38 15.82 -18.34
C TRP A 113 1.16 15.95 -19.24
N LEU A 114 -0.01 15.57 -18.71
CA LEU A 114 -1.25 15.68 -19.46
C LEU A 114 -1.71 17.13 -19.54
N GLN A 115 -1.26 17.95 -18.58
CA GLN A 115 -1.62 19.36 -18.57
C GLN A 115 -0.76 20.14 -19.57
N ASN A 116 0.55 19.98 -19.47
CA ASN A 116 1.48 20.65 -20.38
C ASN A 116 2.83 19.93 -20.37
N GLY A 117 2.90 18.80 -21.07
CA GLY A 117 4.11 18.01 -21.13
C GLY A 117 5.10 18.53 -22.17
N PRO A 118 6.40 18.47 -21.84
CA PRO A 118 7.49 18.93 -22.71
C PRO A 118 7.46 18.29 -24.10
N THR A 119 7.78 17.00 -24.18
CA THR A 119 7.79 16.31 -25.46
C THR A 119 6.49 15.54 -25.68
N ASP A 120 6.42 14.79 -26.77
CA ASP A 120 5.22 14.03 -27.11
C ASP A 120 5.29 12.62 -26.56
N ARG A 121 6.41 12.28 -25.91
CA ARG A 121 6.57 10.97 -25.29
C ARG A 121 6.56 11.11 -23.77
N PHE A 122 5.52 10.56 -23.14
CA PHE A 122 5.34 10.68 -21.69
C PHE A 122 6.44 9.93 -20.93
N ASP A 123 6.92 8.85 -21.52
CA ASP A 123 7.89 7.99 -20.84
C ASP A 123 9.26 8.65 -20.73
N ARG A 124 9.63 9.44 -21.74
CA ARG A 124 10.92 10.12 -21.73
C ARG A 124 10.89 11.32 -20.80
N ASP A 125 9.72 11.94 -20.64
CA ASP A 125 9.58 13.12 -19.80
C ASP A 125 9.49 12.77 -18.32
N CYS A 126 8.88 11.63 -18.03
CA CYS A 126 8.59 11.25 -16.65
C CYS A 126 9.55 10.19 -16.08
N PHE A 127 10.21 9.47 -16.97
CA PHE A 127 11.13 8.41 -16.54
C PHE A 127 12.53 8.61 -17.08
N VAL A 128 13.52 8.48 -16.19
CA VAL A 128 14.92 8.57 -16.59
C VAL A 128 15.30 7.31 -17.37
N MET A 129 14.75 6.18 -16.95
CA MET A 129 15.07 4.88 -17.53
C MET A 129 14.72 4.78 -19.01
N ALA A 130 13.79 5.63 -19.46
CA ALA A 130 13.37 5.61 -20.86
C ALA A 130 14.45 6.16 -21.77
N SER A 131 15.33 6.99 -21.22
CA SER A 131 16.43 7.56 -21.98
C SER A 131 17.57 6.57 -22.09
N LEU A 132 17.78 5.80 -21.03
CA LEU A 132 18.84 4.79 -21.00
C LEU A 132 18.50 3.64 -21.95
N CYS A 133 17.22 3.33 -22.06
CA CYS A 133 16.76 2.27 -22.95
C CYS A 133 16.90 2.68 -24.41
N ASP A 134 16.62 3.95 -24.70
CA ASP A 134 16.73 4.45 -26.07
C ASP A 134 18.19 4.66 -26.47
N ALA A 135 19.09 4.59 -25.49
CA ALA A 135 20.51 4.77 -25.76
C ALA A 135 21.27 3.44 -25.61
N GLY A 136 20.55 2.40 -25.20
CA GLY A 136 21.16 1.10 -24.99
C GLY A 136 22.20 1.11 -23.89
N ARG A 137 21.95 1.89 -22.85
CA ARG A 137 22.91 2.08 -21.76
C ARG A 137 22.79 0.99 -20.70
N SER A 138 23.93 0.72 -20.04
CA SER A 138 23.93 -0.16 -18.87
C SER A 138 23.60 0.67 -17.63
N PRO A 139 22.81 0.09 -16.72
CA PRO A 139 22.41 0.83 -15.50
C PRO A 139 23.58 1.05 -14.55
N ARG A 140 24.67 0.32 -14.77
CA ARG A 140 25.86 0.45 -13.93
C ARG A 140 27.08 0.88 -14.73
N TYR A 141 27.95 1.65 -14.10
CA TYR A 141 29.23 2.03 -14.71
C TYR A 141 30.17 0.84 -14.69
N LEU A 142 31.38 1.01 -15.21
CA LEU A 142 32.32 -0.09 -15.39
C LEU A 142 32.93 -0.59 -14.07
N ASN A 143 32.34 -0.20 -12.94
CA ASN A 143 32.82 -0.64 -11.64
C ASN A 143 31.67 -1.07 -10.74
N GLY A 144 30.58 -1.50 -11.36
CA GLY A 144 29.42 -1.98 -10.62
C GLY A 144 28.66 -0.91 -9.88
N SER A 145 28.93 0.34 -10.24
CA SER A 145 28.28 1.49 -9.59
C SER A 145 26.95 1.81 -10.25
N LEU A 146 25.87 1.69 -9.48
CA LEU A 146 24.52 1.86 -10.01
C LEU A 146 24.12 3.33 -10.13
N LEU A 147 24.14 3.84 -11.36
CA LEU A 147 23.62 5.17 -11.70
C LEU A 147 24.31 6.32 -10.96
N GLN A 148 25.47 6.04 -10.38
CA GLN A 148 26.30 7.07 -9.76
C GLN A 148 27.76 6.73 -10.01
N GLN A 149 28.52 7.69 -10.53
CA GLN A 149 29.88 7.44 -10.99
C GLN A 149 30.80 6.93 -9.88
N GLU A 150 30.64 7.46 -8.69
CA GLU A 150 31.37 6.96 -7.53
C GLU A 150 30.56 5.85 -6.86
N PHE A 151 31.25 4.93 -6.20
CA PHE A 151 30.59 3.79 -5.56
C PHE A 151 29.85 4.24 -4.30
N ASP A 152 29.46 3.27 -3.47
CA ASP A 152 28.72 3.57 -2.25
C ASP A 152 28.89 2.46 -1.21
N PRO A 158 22.11 -5.31 0.09
CA PRO A 158 21.68 -4.25 0.98
C PRO A 158 20.15 -4.13 1.06
N ALA A 159 19.66 -3.39 2.06
CA ALA A 159 18.23 -3.23 2.33
C ALA A 159 17.57 -4.55 2.73
N GLY A 160 16.71 -4.49 3.73
CA GLY A 160 16.08 -5.69 4.24
C GLY A 160 14.60 -5.84 3.93
N LEU A 161 14.12 -5.08 2.94
CA LEU A 161 12.71 -5.10 2.57
C LEU A 161 12.22 -6.48 2.15
N THR A 162 10.92 -6.71 2.30
CA THR A 162 10.30 -7.89 1.73
C THR A 162 10.12 -7.65 0.23
N MET A 163 9.48 -8.58 -0.46
CA MET A 163 9.30 -8.46 -1.91
C MET A 163 8.40 -7.28 -2.26
N SER A 164 7.26 -7.19 -1.59
CA SER A 164 6.26 -6.16 -1.88
C SER A 164 6.79 -4.75 -1.64
N GLU A 165 7.51 -4.57 -0.53
CA GLU A 165 8.04 -3.26 -0.17
C GLU A 165 9.29 -2.92 -0.97
N HIS A 166 9.91 -3.93 -1.57
CA HIS A 166 11.05 -3.70 -2.45
C HIS A 166 10.59 -2.96 -3.70
N GLN A 167 9.63 -3.55 -4.41
CA GLN A 167 9.10 -2.96 -5.63
C GLN A 167 8.22 -1.75 -5.33
N GLY A 168 8.09 -1.41 -4.05
CA GLY A 168 7.26 -0.29 -3.64
C GLY A 168 8.02 0.94 -3.20
N LYS A 169 9.27 0.77 -2.77
CA LYS A 169 10.06 1.89 -2.26
C LYS A 169 11.45 2.00 -2.91
N THR A 170 11.91 0.95 -3.57
CA THR A 170 13.16 1.03 -4.32
C THR A 170 12.91 1.88 -5.56
N GLN A 171 13.76 2.89 -5.77
CA GLN A 171 13.57 3.84 -6.86
C GLN A 171 13.73 3.16 -8.22
N PHE A 172 14.70 2.26 -8.33
CA PHE A 172 14.94 1.55 -9.59
C PHE A 172 14.98 0.03 -9.39
N PRO A 173 13.81 -0.60 -9.23
CA PRO A 173 13.73 -2.05 -9.08
C PRO A 173 13.82 -2.78 -10.43
N TYR A 174 14.98 -2.72 -11.08
CA TYR A 174 15.16 -3.34 -12.39
C TYR A 174 15.13 -4.86 -12.31
N ALA A 175 15.17 -5.50 -13.48
CA ALA A 175 15.09 -6.96 -13.55
C ALA A 175 16.21 -7.55 -14.41
N TYR A 176 16.02 -8.80 -14.83
CA TYR A 176 17.04 -9.49 -15.60
C TYR A 176 16.46 -10.28 -16.78
N HIS A 177 17.28 -10.47 -17.81
CA HIS A 177 17.06 -11.51 -18.79
C HIS A 177 18.06 -12.62 -18.50
N PHE A 178 17.68 -13.87 -18.73
CA PHE A 178 18.60 -14.99 -18.53
C PHE A 178 18.08 -16.27 -19.17
N GLU A 179 18.97 -17.24 -19.37
CA GLU A 179 18.55 -18.55 -19.86
C GLU A 179 17.84 -19.32 -18.76
N ALA A 180 16.64 -19.80 -19.07
CA ALA A 180 15.80 -20.47 -18.09
C ALA A 180 16.36 -21.82 -17.65
N ALA A 181 17.21 -22.41 -18.48
CA ALA A 181 17.78 -23.72 -18.19
C ALA A 181 19.05 -23.59 -17.35
N LEU A 182 19.84 -22.56 -17.64
CA LEU A 182 21.08 -22.33 -16.91
C LEU A 182 20.80 -21.91 -15.47
N LEU A 183 19.73 -21.16 -15.28
CA LEU A 183 19.32 -20.71 -13.96
C LEU A 183 18.88 -21.90 -13.12
N ALA A 184 18.14 -22.81 -13.74
CA ALA A 184 17.66 -24.01 -13.06
C ALA A 184 18.82 -24.90 -12.64
N GLU A 185 19.84 -24.98 -13.50
CA GLU A 185 21.02 -25.77 -13.21
C GLU A 185 21.82 -25.16 -12.08
N PHE A 186 21.89 -23.83 -12.06
CA PHE A 186 22.59 -23.11 -11.01
C PHE A 186 21.90 -23.30 -9.65
N LEU A 187 20.58 -23.19 -9.67
CA LEU A 187 19.79 -23.33 -8.44
C LEU A 187 19.79 -24.76 -7.94
N SER A 188 20.06 -25.71 -8.83
CA SER A 188 20.19 -27.10 -8.45
C SER A 188 21.47 -27.30 -7.66
N GLY A 189 22.52 -26.59 -8.07
CA GLY A 189 23.78 -26.61 -7.35
C GLY A 189 23.69 -25.86 -6.04
N TYR A 190 22.96 -24.76 -6.04
CA TYR A 190 22.71 -23.98 -4.83
C TYR A 190 21.96 -24.83 -3.81
N SER A 191 20.99 -25.59 -4.28
CA SER A 191 20.15 -26.40 -3.40
C SER A 191 20.88 -27.63 -2.88
N LYS A 192 21.58 -28.34 -3.77
CA LYS A 192 22.25 -29.57 -3.39
C LYS A 192 23.47 -29.31 -2.51
N ASP A 193 24.02 -28.10 -2.58
CA ASP A 193 25.12 -27.72 -1.70
C ASP A 193 24.59 -27.35 -0.31
N ARG A 194 23.27 -27.40 -0.15
CA ARG A 194 22.65 -27.04 1.11
C ARG A 194 21.81 -28.18 1.68
N GLY A 195 21.89 -29.34 1.06
CA GLY A 195 21.28 -30.54 1.59
C GLY A 195 19.98 -30.99 0.96
N VAL A 196 19.64 -30.43 -0.19
CA VAL A 196 18.42 -30.82 -0.89
C VAL A 196 18.65 -32.14 -1.63
N LYS A 197 17.85 -33.15 -1.27
CA LYS A 197 17.94 -34.46 -1.91
C LYS A 197 17.41 -34.40 -3.34
N HIS A 198 18.12 -35.03 -4.26
CA HIS A 198 17.76 -35.02 -5.67
C HIS A 198 17.42 -36.42 -6.17
N VAL A 199 16.24 -36.57 -6.75
CA VAL A 199 15.80 -37.85 -7.29
C VAL A 199 15.31 -37.70 -8.72
N VAL A 200 16.03 -38.27 -9.67
CA VAL A 200 15.63 -38.23 -11.07
C VAL A 200 14.85 -39.49 -11.42
N ASP A 201 13.53 -39.36 -11.49
CA ASP A 201 12.66 -40.49 -11.80
C ASP A 201 11.25 -40.00 -12.15
N GLU A 202 10.42 -40.91 -12.63
CA GLU A 202 9.05 -40.58 -13.01
C GLU A 202 8.08 -40.84 -11.86
N VAL A 203 7.15 -39.91 -11.64
CA VAL A 203 6.10 -40.11 -10.65
C VAL A 203 4.90 -40.75 -11.34
N LEU A 204 4.70 -42.04 -11.07
CA LEU A 204 3.66 -42.81 -11.75
C LEU A 204 2.28 -42.60 -11.12
N GLU A 205 2.25 -42.40 -9.80
CA GLU A 205 0.98 -42.25 -9.10
C GLU A 205 1.12 -41.44 -7.83
N VAL A 206 0.03 -40.78 -7.44
CA VAL A 206 -0.04 -40.06 -6.18
C VAL A 206 -1.01 -40.79 -5.26
N LYS A 207 -0.47 -41.44 -4.24
CA LYS A 207 -1.30 -42.23 -3.34
C LYS A 207 -1.90 -41.37 -2.24
N LEU A 208 -3.23 -41.38 -2.14
CA LEU A 208 -3.94 -40.58 -1.15
C LEU A 208 -4.38 -41.46 0.02
N ASP A 209 -4.44 -40.88 1.21
CA ASP A 209 -4.92 -41.62 2.37
C ASP A 209 -6.46 -41.65 2.39
N ASP A 210 -7.02 -42.04 3.53
CA ASP A 210 -8.47 -42.18 3.65
C ASP A 210 -9.17 -40.82 3.65
N ARG A 211 -8.53 -39.81 4.21
CA ARG A 211 -9.14 -38.49 4.33
C ARG A 211 -8.77 -37.57 3.17
N GLY A 212 -8.21 -38.15 2.11
CA GLY A 212 -7.97 -37.41 0.88
C GLY A 212 -6.63 -36.71 0.77
N TRP A 213 -5.80 -36.81 1.80
CA TRP A 213 -4.49 -36.17 1.78
C TRP A 213 -3.46 -37.06 1.12
N ILE A 214 -2.42 -36.45 0.53
CA ILE A 214 -1.38 -37.20 -0.15
C ILE A 214 -0.52 -37.95 0.86
N SER A 215 -0.40 -39.25 0.66
CA SER A 215 0.44 -40.08 1.52
C SER A 215 1.88 -40.11 1.00
N HIS A 216 2.02 -40.38 -0.29
CA HIS A 216 3.33 -40.46 -0.93
C HIS A 216 3.21 -40.45 -2.44
N VAL A 217 4.32 -40.18 -3.12
CA VAL A 217 4.35 -40.23 -4.58
C VAL A 217 5.04 -41.53 -5.01
N VAL A 218 4.38 -42.28 -5.88
CA VAL A 218 4.91 -43.56 -6.33
C VAL A 218 5.80 -43.36 -7.56
N THR A 219 7.09 -43.61 -7.39
CA THR A 219 8.02 -43.53 -8.50
C THR A 219 8.19 -44.91 -9.12
N LYS A 220 8.98 -45.00 -10.18
CA LYS A 220 9.14 -46.25 -10.91
C LYS A 220 10.35 -47.04 -10.41
N GLU A 221 11.43 -46.34 -10.11
CA GLU A 221 12.69 -47.00 -9.74
C GLU A 221 13.22 -46.57 -8.38
N HIS A 222 12.40 -45.84 -7.62
CA HIS A 222 12.82 -45.38 -6.30
C HIS A 222 11.75 -45.61 -5.24
N GLY A 223 10.77 -46.45 -5.57
CA GLY A 223 9.71 -46.81 -4.65
C GLY A 223 8.82 -45.66 -4.25
N ASP A 224 8.31 -45.71 -3.02
CA ASP A 224 7.40 -44.69 -2.52
C ASP A 224 8.15 -43.61 -1.75
N ILE A 225 7.96 -42.36 -2.17
CA ILE A 225 8.58 -41.23 -1.49
C ILE A 225 7.52 -40.44 -0.74
N GLY A 226 7.60 -40.47 0.58
CA GLY A 226 6.61 -39.80 1.42
C GLY A 226 7.08 -38.48 1.98
N GLY A 227 6.19 -37.80 2.70
CA GLY A 227 6.50 -36.52 3.30
C GLY A 227 5.31 -35.90 4.02
N ASP A 228 5.47 -34.67 4.47
CA ASP A 228 4.39 -33.97 5.16
C ASP A 228 3.72 -32.96 4.23
N LEU A 229 4.53 -32.29 3.42
CA LEU A 229 4.03 -31.30 2.47
C LEU A 229 4.54 -31.58 1.07
N PHE A 230 3.62 -31.66 0.10
CA PHE A 230 3.99 -31.96 -1.28
C PHE A 230 3.79 -30.73 -2.16
N VAL A 231 4.82 -30.37 -2.92
CA VAL A 231 4.76 -29.20 -3.77
C VAL A 231 4.72 -29.59 -5.25
N ASP A 232 3.63 -29.23 -5.92
CA ASP A 232 3.45 -29.55 -7.33
C ASP A 232 4.16 -28.50 -8.20
N CYS A 233 5.20 -28.94 -8.90
CA CYS A 233 5.91 -28.08 -9.84
C CYS A 233 6.06 -28.80 -11.17
N THR A 234 5.02 -29.53 -11.57
CA THR A 234 5.06 -30.35 -12.76
C THR A 234 4.61 -29.60 -14.01
N GLY A 235 4.44 -28.28 -13.87
CA GLY A 235 4.04 -27.45 -14.99
C GLY A 235 2.57 -27.53 -15.34
N PHE A 236 2.24 -27.29 -16.60
CA PHE A 236 0.86 -27.28 -17.08
C PHE A 236 0.11 -28.58 -16.76
N ARG A 237 0.85 -29.65 -16.55
CA ARG A 237 0.26 -30.96 -16.23
C ARG A 237 -0.61 -30.90 -14.99
N GLY A 238 -0.06 -30.35 -13.90
CA GLY A 238 -0.76 -30.33 -12.63
C GLY A 238 -1.00 -31.75 -12.13
N VAL A 239 0.06 -32.53 -12.06
CA VAL A 239 0.00 -33.94 -11.72
C VAL A 239 -0.62 -34.18 -10.34
N LEU A 240 -0.22 -33.37 -9.37
CA LEU A 240 -0.66 -33.57 -7.99
C LEU A 240 -1.95 -32.82 -7.67
N LEU A 241 -1.98 -31.52 -7.94
CA LEU A 241 -3.11 -30.69 -7.55
C LEU A 241 -4.33 -30.87 -8.46
N ASN A 242 -4.12 -30.74 -9.76
CA ASN A 242 -5.23 -30.77 -10.72
C ASN A 242 -5.69 -32.20 -11.01
N GLN A 243 -4.75 -33.12 -11.18
CA GLN A 243 -5.08 -34.49 -11.55
C GLN A 243 -5.44 -35.34 -10.33
N ALA A 244 -4.48 -35.50 -9.42
CA ALA A 244 -4.68 -36.38 -8.26
C ALA A 244 -5.74 -35.85 -7.30
N LEU A 245 -5.58 -34.62 -6.84
CA LEU A 245 -6.51 -34.04 -5.87
C LEU A 245 -7.74 -33.44 -6.55
N GLY A 246 -7.72 -33.38 -7.87
CA GLY A 246 -8.87 -32.96 -8.65
C GLY A 246 -9.33 -31.53 -8.42
N VAL A 247 -8.39 -30.61 -8.27
CA VAL A 247 -8.72 -29.21 -8.12
C VAL A 247 -8.98 -28.60 -9.49
N PRO A 248 -10.21 -28.11 -9.70
CA PRO A 248 -10.64 -27.56 -10.99
C PRO A 248 -9.83 -26.34 -11.42
N PHE A 249 -9.56 -26.24 -12.72
CA PHE A 249 -8.80 -25.13 -13.28
C PHE A 249 -9.74 -24.19 -14.02
N VAL A 250 -9.65 -22.90 -13.72
CA VAL A 250 -10.50 -21.90 -14.35
C VAL A 250 -9.70 -21.14 -15.41
N SER A 251 -10.29 -20.99 -16.59
CA SER A 251 -9.60 -20.38 -17.72
C SER A 251 -9.77 -18.86 -17.78
N TYR A 252 -8.81 -18.19 -18.41
CA TYR A 252 -8.88 -16.75 -18.64
C TYR A 252 -9.01 -16.47 -20.13
N GLN A 253 -9.28 -17.51 -20.91
CA GLN A 253 -9.29 -17.43 -22.36
C GLN A 253 -10.34 -16.45 -22.91
N ASP A 254 -11.42 -16.25 -22.14
CA ASP A 254 -12.52 -15.42 -22.60
C ASP A 254 -12.15 -13.93 -22.65
N THR A 255 -11.21 -13.53 -21.80
CA THR A 255 -10.77 -12.14 -21.77
C THR A 255 -9.42 -11.98 -22.47
N LEU A 256 -8.61 -13.04 -22.42
CA LEU A 256 -7.30 -13.05 -23.07
C LEU A 256 -7.19 -14.25 -24.01
N PRO A 257 -7.50 -14.05 -25.29
CA PRO A 257 -7.63 -15.12 -26.28
C PRO A 257 -6.33 -15.83 -26.66
N ASN A 258 -5.18 -15.20 -26.42
CA ASN A 258 -3.90 -15.78 -26.79
C ASN A 258 -3.68 -17.13 -26.10
N ASP A 259 -3.59 -18.19 -26.91
CA ASP A 259 -3.50 -19.54 -26.38
C ASP A 259 -2.27 -20.29 -26.87
N SER A 260 -1.58 -19.72 -27.85
CA SER A 260 -0.46 -20.41 -28.49
C SER A 260 0.81 -19.57 -28.49
N ALA A 261 1.94 -20.24 -28.69
CA ALA A 261 3.24 -19.58 -28.75
C ALA A 261 4.25 -20.40 -29.55
N VAL A 262 5.11 -19.70 -30.28
CA VAL A 262 6.21 -20.34 -31.00
C VAL A 262 7.47 -19.52 -30.77
N ALA A 263 8.55 -20.19 -30.38
CA ALA A 263 9.76 -19.47 -29.98
C ALA A 263 11.03 -20.05 -30.60
N LEU A 264 12.04 -19.19 -30.72
CA LEU A 264 13.34 -19.57 -31.25
C LEU A 264 14.46 -19.18 -30.31
N GLN A 265 15.63 -19.77 -30.51
CA GLN A 265 16.85 -19.30 -29.86
C GLN A 265 17.87 -18.96 -30.94
N VAL A 266 18.13 -17.66 -31.10
CA VAL A 266 18.95 -17.20 -32.21
C VAL A 266 20.29 -16.64 -31.74
N PRO A 267 21.37 -17.43 -31.93
CA PRO A 267 22.73 -16.93 -31.67
C PRO A 267 23.08 -15.77 -32.58
N LEU A 268 23.44 -14.63 -31.99
CA LEU A 268 23.75 -13.45 -32.78
C LEU A 268 25.05 -12.80 -32.31
N ASP A 269 25.60 -11.93 -33.15
CA ASP A 269 26.80 -11.18 -32.79
C ASP A 269 26.41 -10.03 -31.87
N MET A 270 26.23 -10.35 -30.59
CA MET A 270 25.90 -9.34 -29.59
C MET A 270 27.09 -8.41 -29.42
N GLU A 271 27.24 -7.49 -30.37
CA GLU A 271 28.38 -6.60 -30.44
C GLU A 271 28.06 -5.49 -31.42
N ALA A 272 27.68 -5.88 -32.63
CA ALA A 272 27.23 -4.95 -33.65
C ALA A 272 25.79 -4.57 -33.41
N ARG A 273 24.99 -5.55 -32.98
CA ARG A 273 23.59 -5.32 -32.66
C ARG A 273 23.46 -4.51 -31.38
N GLY A 274 24.27 -4.85 -30.38
CA GLY A 274 24.17 -4.27 -29.06
C GLY A 274 23.19 -5.06 -28.21
N ILE A 275 23.27 -4.88 -26.90
CA ILE A 275 22.39 -5.59 -25.99
C ILE A 275 21.45 -4.61 -25.29
N PRO A 276 20.23 -4.45 -25.85
CA PRO A 276 19.24 -3.52 -25.30
C PRO A 276 18.81 -3.92 -23.88
N PRO A 277 18.86 -2.97 -22.94
CA PRO A 277 18.54 -3.21 -21.53
C PRO A 277 17.03 -3.31 -21.27
N TYR A 278 16.33 -4.07 -22.10
CA TYR A 278 14.89 -4.20 -21.97
C TYR A 278 14.34 -5.36 -22.80
N THR A 279 13.13 -5.82 -22.43
CA THR A 279 12.40 -6.78 -23.24
C THR A 279 11.47 -6.02 -24.18
N ARG A 280 11.43 -6.43 -25.44
CA ARG A 280 10.55 -5.77 -26.41
C ARG A 280 9.29 -6.60 -26.65
N ALA A 281 8.15 -5.92 -26.76
CA ALA A 281 6.90 -6.56 -27.10
C ALA A 281 6.30 -5.90 -28.33
N THR A 282 6.65 -6.40 -29.51
CA THR A 282 6.18 -5.83 -30.76
C THR A 282 4.81 -6.40 -31.14
N ALA A 283 3.84 -5.52 -31.28
CA ALA A 283 2.48 -5.93 -31.66
C ALA A 283 2.46 -6.50 -33.06
N LYS A 284 1.70 -7.58 -33.26
CA LYS A 284 1.60 -8.22 -34.56
C LYS A 284 0.16 -8.34 -35.04
N GLU A 285 -0.04 -9.11 -36.10
CA GLU A 285 -1.35 -9.23 -36.73
CA GLU A 285 -1.34 -9.25 -36.74
C GLU A 285 -2.32 -10.07 -35.90
N ALA A 286 -1.80 -11.07 -35.22
CA ALA A 286 -2.65 -11.93 -34.41
C ALA A 286 -2.08 -12.13 -33.01
N GLY A 287 -1.32 -11.15 -32.54
CA GLY A 287 -0.71 -11.21 -31.23
C GLY A 287 0.48 -10.28 -31.11
N TRP A 288 1.56 -10.78 -30.51
CA TRP A 288 2.75 -9.97 -30.31
C TRP A 288 4.01 -10.84 -30.26
N ILE A 289 5.16 -10.24 -30.52
CA ILE A 289 6.42 -10.96 -30.53
C ILE A 289 7.36 -10.39 -29.48
N TRP A 290 7.98 -11.27 -28.69
CA TRP A 290 8.93 -10.82 -27.68
C TRP A 290 10.37 -10.90 -28.18
N THR A 291 11.21 -10.01 -27.67
CA THR A 291 12.63 -10.03 -27.97
C THR A 291 13.44 -9.94 -26.67
N ILE A 292 14.01 -11.07 -26.26
CA ILE A 292 14.74 -11.14 -25.01
C ILE A 292 16.23 -11.30 -25.28
N PRO A 293 17.02 -10.25 -25.04
CA PRO A 293 18.46 -10.23 -25.28
C PRO A 293 19.26 -10.89 -24.16
N LEU A 294 20.19 -11.76 -24.54
CA LEU A 294 21.06 -12.42 -23.57
C LEU A 294 22.53 -12.24 -23.97
N ILE A 295 23.41 -12.92 -23.27
CA ILE A 295 24.83 -12.93 -23.64
C ILE A 295 25.05 -13.95 -24.76
N GLY A 296 25.17 -13.47 -25.99
CA GLY A 296 25.47 -14.34 -27.11
C GLY A 296 24.30 -14.63 -28.03
N ARG A 297 23.08 -14.49 -27.54
CA ARG A 297 21.91 -14.79 -28.34
C ARG A 297 20.67 -14.03 -27.86
N ILE A 298 19.64 -14.00 -28.71
CA ILE A 298 18.36 -13.43 -28.31
C ILE A 298 17.31 -14.53 -28.27
N GLY A 299 16.41 -14.43 -27.30
CA GLY A 299 15.27 -15.33 -27.22
C GLY A 299 14.04 -14.63 -27.76
N THR A 300 13.49 -15.15 -28.84
CA THR A 300 12.35 -14.51 -29.49
C THR A 300 11.17 -15.48 -29.63
N GLY A 301 9.96 -14.94 -29.55
CA GLY A 301 8.77 -15.77 -29.62
C GLY A 301 7.52 -15.03 -30.03
N TYR A 302 6.61 -15.74 -30.70
CA TYR A 302 5.35 -15.17 -31.14
C TYR A 302 4.21 -15.69 -30.27
N VAL A 303 3.61 -14.80 -29.50
CA VAL A 303 2.43 -15.16 -28.70
C VAL A 303 1.18 -14.76 -29.47
N TYR A 304 0.37 -15.75 -29.82
CA TYR A 304 -0.78 -15.51 -30.69
C TYR A 304 -2.00 -16.34 -30.31
N ALA A 305 -3.14 -15.97 -30.89
CA ALA A 305 -4.35 -16.77 -30.79
C ALA A 305 -4.54 -17.54 -32.10
N LYS A 306 -4.56 -18.86 -32.02
CA LYS A 306 -4.55 -19.70 -33.21
C LYS A 306 -5.88 -19.66 -33.98
N ASP A 307 -6.87 -18.98 -33.43
CA ASP A 307 -8.13 -18.77 -34.14
C ASP A 307 -7.98 -17.65 -35.16
N TYR A 308 -6.88 -16.91 -35.07
CA TYR A 308 -6.62 -15.78 -35.95
C TYR A 308 -5.38 -16.02 -36.81
N CYS A 309 -4.62 -17.05 -36.47
CA CYS A 309 -3.38 -17.35 -37.17
C CYS A 309 -2.96 -18.81 -36.99
N SER A 310 -2.76 -19.51 -38.09
CA SER A 310 -2.32 -20.90 -38.04
C SER A 310 -0.91 -21.00 -37.47
N PRO A 311 -0.60 -22.13 -36.80
CA PRO A 311 0.75 -22.37 -36.26
C PRO A 311 1.84 -22.32 -37.33
N GLU A 312 1.48 -22.68 -38.57
CA GLU A 312 2.43 -22.64 -39.67
C GLU A 312 2.77 -21.20 -40.04
N GLU A 313 1.74 -20.37 -40.16
CA GLU A 313 1.92 -18.96 -40.52
C GLU A 313 2.62 -18.20 -39.40
N ALA A 314 2.35 -18.60 -38.16
CA ALA A 314 2.92 -17.93 -36.99
C ALA A 314 4.43 -18.12 -36.93
N GLU A 315 4.89 -19.32 -37.28
CA GLU A 315 6.32 -19.62 -37.26
C GLU A 315 7.05 -18.86 -38.37
N ARG A 316 6.42 -18.84 -39.54
CA ARG A 316 7.00 -18.15 -40.69
C ARG A 316 7.04 -16.65 -40.44
N THR A 317 5.99 -16.13 -39.82
CA THR A 317 5.94 -14.71 -39.46
C THR A 317 7.07 -14.37 -38.49
N LEU A 318 7.34 -15.28 -37.56
CA LEU A 318 8.39 -15.10 -36.57
C LEU A 318 9.77 -15.13 -37.21
N ARG A 319 9.97 -16.03 -38.16
CA ARG A 319 11.26 -16.17 -38.81
C ARG A 319 11.60 -14.96 -39.67
N GLU A 320 10.60 -14.43 -40.37
CA GLU A 320 10.78 -13.23 -41.18
C GLU A 320 11.13 -12.03 -40.30
N PHE A 321 10.47 -11.96 -39.14
CA PHE A 321 10.65 -10.84 -38.22
C PHE A 321 12.09 -10.75 -37.72
N VAL A 322 12.69 -11.90 -37.43
CA VAL A 322 14.05 -11.92 -36.92
C VAL A 322 15.04 -11.78 -38.08
N GLY A 323 14.74 -12.46 -39.18
CA GLY A 323 15.57 -12.39 -40.36
C GLY A 323 16.25 -13.69 -40.73
N PRO A 324 17.23 -13.63 -41.64
CA PRO A 324 17.98 -14.79 -42.14
C PRO A 324 18.67 -15.62 -41.05
N GLU A 325 19.05 -15.00 -39.93
CA GLU A 325 19.79 -15.74 -38.91
C GLU A 325 18.89 -16.65 -38.07
N ALA A 326 17.61 -16.69 -38.40
CA ALA A 326 16.66 -17.54 -37.69
C ALA A 326 15.92 -18.45 -38.66
N ALA A 327 16.42 -18.54 -39.89
CA ALA A 327 15.79 -19.31 -40.94
C ALA A 327 15.76 -20.81 -40.64
N ASP A 328 16.81 -21.32 -40.03
CA ASP A 328 16.93 -22.77 -39.90
C ASP A 328 16.92 -23.28 -38.47
N VAL A 329 16.84 -22.40 -37.49
CA VAL A 329 16.85 -22.82 -36.09
C VAL A 329 15.56 -23.54 -35.75
N GLU A 330 15.60 -24.37 -34.70
CA GLU A 330 14.44 -25.13 -34.27
C GLU A 330 13.36 -24.23 -33.69
N ALA A 331 12.12 -24.47 -34.09
CA ALA A 331 10.99 -23.73 -33.57
C ALA A 331 10.26 -24.54 -32.50
N ASN A 332 9.93 -23.91 -31.40
CA ASN A 332 9.28 -24.59 -30.29
C ASN A 332 7.82 -24.16 -30.14
N HIS A 333 6.91 -25.01 -30.60
CA HIS A 333 5.49 -24.74 -30.51
C HIS A 333 4.92 -25.14 -29.15
N ILE A 334 4.29 -24.17 -28.47
CA ILE A 334 3.73 -24.41 -27.15
C ILE A 334 2.24 -24.09 -27.13
N ARG A 335 1.46 -24.97 -26.52
CA ARG A 335 0.04 -24.71 -26.29
C ARG A 335 -0.15 -24.33 -24.82
N MET A 336 -0.42 -23.05 -24.58
CA MET A 336 -0.45 -22.51 -23.22
C MET A 336 -1.78 -22.76 -22.51
N ARG A 337 -1.69 -23.04 -21.21
CA ARG A 337 -2.88 -23.13 -20.37
C ARG A 337 -3.07 -21.82 -19.62
N ILE A 338 -4.06 -21.03 -20.05
CA ILE A 338 -4.26 -19.69 -19.51
C ILE A 338 -5.35 -19.69 -18.44
N GLY A 339 -4.99 -19.18 -17.26
CA GLY A 339 -5.92 -19.13 -16.15
C GLY A 339 -5.26 -19.47 -14.83
N ARG A 340 -6.02 -20.04 -13.91
CA ARG A 340 -5.48 -20.48 -12.63
C ARG A 340 -6.34 -21.57 -12.01
N SER A 341 -5.77 -22.29 -11.06
CA SER A 341 -6.52 -23.27 -10.29
C SER A 341 -7.48 -22.55 -9.37
N GLU A 342 -8.60 -23.19 -9.04
CA GLU A 342 -9.59 -22.60 -8.14
C GLU A 342 -8.95 -22.28 -6.79
N GLN A 343 -8.07 -23.18 -6.36
CA GLN A 343 -7.22 -22.94 -5.20
C GLN A 343 -5.86 -23.57 -5.48
N SER A 344 -4.80 -22.95 -4.98
CA SER A 344 -3.45 -23.46 -5.24
C SER A 344 -2.95 -24.32 -4.10
N TRP A 345 -3.69 -24.36 -3.00
CA TRP A 345 -3.33 -25.18 -1.85
C TRP A 345 -4.53 -25.93 -1.31
N LYS A 346 -4.53 -27.25 -1.51
CA LYS A 346 -5.55 -28.12 -0.93
C LYS A 346 -4.88 -29.21 -0.11
N ASN A 347 -5.38 -29.42 1.10
CA ASN A 347 -4.84 -30.42 2.03
C ASN A 347 -3.35 -30.19 2.28
N ASN A 348 -2.52 -31.14 1.88
CA ASN A 348 -1.07 -31.03 2.08
C ASN A 348 -0.34 -30.87 0.76
N CYS A 349 -1.03 -30.33 -0.23
CA CYS A 349 -0.44 -30.13 -1.54
C CYS A 349 -0.60 -28.69 -2.02
N VAL A 350 0.50 -28.08 -2.41
CA VAL A 350 0.48 -26.71 -2.92
C VAL A 350 1.17 -26.65 -4.27
N ALA A 351 0.51 -26.04 -5.25
CA ALA A 351 1.07 -25.92 -6.59
C ALA A 351 1.81 -24.61 -6.77
N ILE A 352 3.02 -24.70 -7.31
CA ILE A 352 3.84 -23.51 -7.58
C ILE A 352 4.36 -23.59 -9.02
N GLY A 353 4.19 -22.50 -9.76
CA GLY A 353 4.62 -22.45 -11.14
C GLY A 353 3.46 -22.55 -12.12
N LEU A 354 3.69 -23.20 -13.25
CA LEU A 354 2.66 -23.35 -14.27
C LEU A 354 1.51 -24.22 -13.79
N SER A 355 1.76 -25.00 -12.75
CA SER A 355 0.74 -25.88 -12.18
C SER A 355 -0.33 -25.08 -11.44
N SER A 356 0.04 -23.91 -10.94
CA SER A 356 -0.89 -23.06 -10.21
C SER A 356 -1.74 -22.22 -11.16
N GLY A 357 -1.10 -21.72 -12.22
CA GLY A 357 -1.77 -20.90 -13.20
C GLY A 357 -0.80 -20.18 -14.11
N PHE A 358 -1.31 -19.50 -15.13
CA PHE A 358 -0.46 -18.79 -16.07
C PHE A 358 -1.23 -17.78 -16.93
N VAL A 359 -0.58 -16.66 -17.21
CA VAL A 359 -1.08 -15.69 -18.18
C VAL A 359 0.04 -15.43 -19.18
N GLU A 360 -0.32 -14.93 -20.36
CA GLU A 360 0.66 -14.69 -21.42
C GLU A 360 1.79 -13.77 -20.96
N PRO A 361 3.01 -13.99 -21.49
CA PRO A 361 4.22 -13.31 -21.02
C PRO A 361 4.31 -11.84 -21.44
N LEU A 362 3.18 -11.16 -21.50
CA LEU A 362 3.14 -9.77 -21.96
C LEU A 362 3.93 -8.85 -21.03
N GLU A 363 3.95 -9.18 -19.75
CA GLU A 363 4.67 -8.37 -18.77
C GLU A 363 5.69 -9.19 -17.99
N SER A 364 5.95 -10.41 -18.47
CA SER A 364 6.93 -11.30 -17.85
C SER A 364 6.65 -11.49 -16.36
N THR A 365 5.53 -12.12 -16.04
CA THR A 365 5.11 -12.28 -14.66
C THR A 365 5.13 -13.74 -14.22
N GLY A 366 5.62 -14.62 -15.08
CA GLY A 366 5.66 -16.04 -14.78
C GLY A 366 6.52 -16.39 -13.58
N ILE A 367 7.77 -15.93 -13.61
CA ILE A 367 8.71 -16.19 -12.52
C ILE A 367 8.29 -15.39 -11.29
N PHE A 368 7.64 -14.25 -11.52
CA PHE A 368 7.11 -13.44 -10.43
C PHE A 368 6.08 -14.22 -9.61
N PHE A 369 5.22 -14.96 -10.30
CA PHE A 369 4.22 -15.78 -9.63
C PHE A 369 4.88 -16.83 -8.74
N ILE A 370 5.96 -17.42 -9.25
CA ILE A 370 6.71 -18.43 -8.52
C ILE A 370 7.36 -17.81 -7.29
N HIS A 371 8.00 -16.67 -7.48
CA HIS A 371 8.67 -15.94 -6.41
C HIS A 371 7.68 -15.56 -5.31
N HIS A 372 6.51 -15.11 -5.72
CA HIS A 372 5.47 -14.72 -4.76
C HIS A 372 4.94 -15.93 -4.00
N ALA A 373 4.83 -17.06 -4.70
CA ALA A 373 4.27 -18.28 -4.12
C ALA A 373 5.16 -18.82 -2.99
N ILE A 374 6.46 -18.90 -3.25
CA ILE A 374 7.39 -19.47 -2.28
C ILE A 374 7.57 -18.56 -1.08
N GLU A 375 7.39 -17.26 -1.29
CA GLU A 375 7.48 -16.30 -0.20
C GLU A 375 6.24 -16.41 0.68
N GLN A 376 5.09 -16.61 0.05
CA GLN A 376 3.84 -16.79 0.77
C GLN A 376 3.79 -18.18 1.39
N LEU A 377 4.59 -19.10 0.85
CA LEU A 377 4.67 -20.46 1.38
C LEU A 377 5.40 -20.46 2.72
N VAL A 378 6.45 -19.67 2.81
CA VAL A 378 7.19 -19.52 4.06
C VAL A 378 6.32 -18.80 5.08
N LYS A 379 5.65 -17.75 4.62
CA LYS A 379 4.80 -16.93 5.46
C LYS A 379 3.63 -17.73 6.05
N HIS A 380 3.04 -18.60 5.23
CA HIS A 380 1.91 -19.42 5.66
C HIS A 380 2.31 -20.87 5.87
N PHE A 381 3.58 -21.10 6.22
CA PHE A 381 4.10 -22.46 6.35
C PHE A 381 3.47 -23.19 7.53
N PRO A 382 2.94 -24.40 7.29
CA PRO A 382 2.33 -25.23 8.33
C PRO A 382 3.35 -26.06 9.10
N ALA A 383 3.10 -26.25 10.39
CA ALA A 383 3.98 -27.06 11.22
C ALA A 383 3.18 -27.70 12.36
N GLY A 384 2.04 -27.10 12.66
CA GLY A 384 1.16 -27.61 13.70
C GLY A 384 0.10 -28.55 13.18
N ASP A 385 -1.16 -28.24 13.49
CA ASP A 385 -2.27 -29.09 13.07
C ASP A 385 -2.94 -28.52 11.82
N TRP A 386 -2.21 -27.69 11.09
CA TRP A 386 -2.68 -27.12 9.83
C TRP A 386 -3.98 -26.33 10.00
N HIS A 387 -3.87 -25.09 10.45
CA HIS A 387 -5.04 -24.25 10.62
C HIS A 387 -5.57 -23.82 9.25
N PRO A 388 -6.88 -24.00 9.02
CA PRO A 388 -7.54 -23.63 7.75
C PRO A 388 -7.33 -22.18 7.36
N GLN A 389 -7.14 -21.30 8.35
CA GLN A 389 -6.94 -19.88 8.08
C GLN A 389 -5.61 -19.62 7.36
N LEU A 390 -4.59 -20.42 7.70
CA LEU A 390 -3.29 -20.31 7.04
C LEU A 390 -3.41 -20.63 5.56
N ARG A 391 -4.09 -21.74 5.26
CA ARG A 391 -4.30 -22.17 3.89
C ARG A 391 -5.17 -21.18 3.13
N ALA A 392 -6.16 -20.62 3.82
CA ALA A 392 -7.06 -19.65 3.23
C ALA A 392 -6.32 -18.36 2.90
N GLY A 393 -5.40 -17.96 3.76
CA GLY A 393 -4.61 -16.77 3.55
C GLY A 393 -3.68 -16.90 2.37
N TYR A 394 -3.16 -18.11 2.15
CA TYR A 394 -2.26 -18.37 1.05
C TYR A 394 -3.01 -18.37 -0.28
N ASN A 395 -4.16 -19.04 -0.31
CA ASN A 395 -4.93 -19.19 -1.54
C ASN A 395 -5.48 -17.85 -2.03
N SER A 396 -5.89 -17.00 -1.09
CA SER A 396 -6.42 -15.69 -1.45
C SER A 396 -5.31 -14.76 -1.93
N ALA A 397 -4.11 -14.93 -1.35
CA ALA A 397 -2.97 -14.11 -1.72
C ALA A 397 -2.49 -14.44 -3.13
N VAL A 398 -2.42 -15.73 -3.44
CA VAL A 398 -1.96 -16.21 -4.74
C VAL A 398 -2.99 -15.87 -5.82
N ALA A 399 -4.28 -15.99 -5.47
CA ALA A 399 -5.35 -15.74 -6.43
C ALA A 399 -5.47 -14.25 -6.76
N ASN A 400 -5.26 -13.39 -5.76
CA ASN A 400 -5.37 -11.96 -5.96
C ASN A 400 -4.25 -11.43 -6.87
N VAL A 401 -3.07 -12.03 -6.76
CA VAL A 401 -1.96 -11.66 -7.62
C VAL A 401 -2.28 -12.05 -9.05
N MET A 402 -2.87 -13.22 -9.23
CA MET A 402 -3.23 -13.71 -10.56
C MET A 402 -4.37 -12.89 -11.15
N ASP A 403 -5.41 -12.65 -10.36
CA ASP A 403 -6.58 -11.91 -10.82
C ASP A 403 -6.26 -10.46 -11.13
N GLY A 404 -5.32 -9.89 -10.38
CA GLY A 404 -4.91 -8.51 -10.58
C GLY A 404 -4.10 -8.32 -11.84
N VAL A 405 -3.16 -9.21 -12.07
CA VAL A 405 -2.31 -9.16 -13.26
C VAL A 405 -3.15 -9.37 -14.51
N ARG A 406 -4.19 -10.20 -14.39
CA ARG A 406 -5.08 -10.47 -15.52
C ARG A 406 -5.80 -9.21 -15.98
N GLU A 407 -6.24 -8.39 -15.03
CA GLU A 407 -6.86 -7.11 -15.35
C GLU A 407 -5.87 -6.20 -16.06
N PHE A 408 -4.65 -6.17 -15.55
CA PHE A 408 -3.59 -5.33 -16.08
C PHE A 408 -3.25 -5.71 -17.52
N LEU A 409 -3.37 -7.00 -17.83
CA LEU A 409 -3.05 -7.49 -19.16
C LEU A 409 -4.16 -7.19 -20.17
N VAL A 410 -5.41 -7.33 -19.73
CA VAL A 410 -6.55 -7.02 -20.58
C VAL A 410 -6.53 -5.53 -20.92
N LEU A 411 -6.06 -4.73 -19.98
CA LEU A 411 -5.95 -3.29 -20.16
C LEU A 411 -5.02 -2.93 -21.33
N HIS A 412 -4.01 -3.77 -21.55
CA HIS A 412 -3.09 -3.57 -22.67
C HIS A 412 -3.83 -3.60 -24.00
N TYR A 413 -4.81 -4.50 -24.11
CA TYR A 413 -5.53 -4.71 -25.34
C TYR A 413 -6.72 -3.77 -25.49
N LEU A 414 -7.30 -3.37 -24.37
CA LEU A 414 -8.39 -2.39 -24.38
C LEU A 414 -7.85 -1.00 -24.63
N GLY A 415 -6.55 -0.82 -24.38
CA GLY A 415 -5.92 0.46 -24.58
C GLY A 415 -5.22 0.59 -25.92
N ALA A 416 -5.04 -0.55 -26.59
CA ALA A 416 -4.35 -0.58 -27.87
C ALA A 416 -5.13 0.20 -28.93
N ALA A 417 -4.45 1.11 -29.61
CA ALA A 417 -5.09 1.92 -30.65
C ALA A 417 -5.04 1.20 -31.99
N ARG A 418 -4.16 0.21 -32.11
CA ARG A 418 -4.05 -0.59 -33.32
C ARG A 418 -5.38 -1.27 -33.63
N ASN A 419 -5.81 -1.20 -34.88
CA ASN A 419 -7.15 -1.61 -35.24
C ASN A 419 -7.24 -2.08 -36.70
N ASP A 420 -6.15 -2.63 -37.22
CA ASP A 420 -6.09 -3.02 -38.62
C ASP A 420 -6.74 -4.39 -38.87
N THR A 421 -6.22 -5.44 -38.23
CA THR A 421 -6.69 -6.79 -38.48
C THR A 421 -7.94 -7.13 -37.66
N ARG A 422 -8.53 -8.29 -37.96
CA ARG A 422 -9.72 -8.75 -37.25
C ARG A 422 -9.40 -9.02 -35.78
N TYR A 423 -8.19 -9.48 -35.53
CA TYR A 423 -7.72 -9.76 -34.17
C TYR A 423 -7.77 -8.50 -33.31
N TRP A 424 -7.37 -7.37 -33.88
CA TRP A 424 -7.33 -6.11 -33.13
C TRP A 424 -8.66 -5.38 -33.14
N LYS A 425 -9.59 -5.82 -33.98
CA LYS A 425 -10.93 -5.26 -33.96
C LYS A 425 -11.74 -5.99 -32.90
N ASP A 426 -11.51 -7.29 -32.80
CA ASP A 426 -12.20 -8.13 -31.82
C ASP A 426 -11.76 -7.81 -30.40
N THR A 427 -10.67 -7.06 -30.24
CA THR A 427 -10.15 -6.79 -28.90
C THR A 427 -11.02 -5.75 -28.19
N LYS A 428 -11.92 -5.11 -28.93
CA LYS A 428 -12.81 -4.11 -28.34
C LYS A 428 -14.26 -4.57 -28.35
N THR A 429 -14.53 -5.71 -28.94
CA THR A 429 -15.88 -6.28 -28.95
C THR A 429 -15.99 -7.39 -27.92
N ARG A 430 -14.84 -7.86 -27.45
CA ARG A 430 -14.77 -8.90 -26.44
C ARG A 430 -15.26 -8.36 -25.10
N ALA A 431 -16.10 -9.13 -24.43
CA ALA A 431 -16.69 -8.70 -23.16
C ALA A 431 -15.65 -8.69 -22.04
N VAL A 432 -15.67 -7.63 -21.24
CA VAL A 432 -14.74 -7.48 -20.13
C VAL A 432 -15.48 -7.65 -18.81
N PRO A 433 -14.75 -8.01 -17.74
CA PRO A 433 -15.39 -8.02 -16.41
C PRO A 433 -15.89 -6.64 -16.02
N ASP A 434 -17.02 -6.58 -15.32
CA ASP A 434 -17.66 -5.32 -14.96
C ASP A 434 -16.78 -4.45 -14.07
N ALA A 435 -15.91 -5.09 -13.29
CA ALA A 435 -15.02 -4.38 -12.39
C ALA A 435 -14.08 -3.46 -13.16
N LEU A 436 -13.42 -4.00 -14.16
CA LEU A 436 -12.43 -3.23 -14.92
C LEU A 436 -13.10 -2.16 -15.78
N ALA A 437 -14.29 -2.45 -16.29
CA ALA A 437 -15.03 -1.48 -17.11
C ALA A 437 -15.32 -0.21 -16.32
N GLU A 438 -15.59 -0.37 -15.04
CA GLU A 438 -15.88 0.76 -14.16
C GLU A 438 -14.64 1.57 -13.85
N ARG A 439 -13.51 0.88 -13.64
CA ARG A 439 -12.27 1.57 -13.33
C ARG A 439 -11.77 2.38 -14.52
N ILE A 440 -12.01 1.86 -15.73
CA ILE A 440 -11.62 2.56 -16.95
C ILE A 440 -12.38 3.89 -17.02
N GLU A 441 -13.65 3.86 -16.62
CA GLU A 441 -14.45 5.08 -16.56
C GLU A 441 -13.88 6.05 -15.54
N ARG A 442 -13.40 5.51 -14.41
CA ARG A 442 -12.75 6.32 -13.39
C ARG A 442 -11.41 6.85 -13.89
N TRP A 443 -10.69 6.01 -14.63
CA TRP A 443 -9.35 6.36 -15.09
C TRP A 443 -9.36 7.43 -16.18
N LYS A 444 -10.44 7.49 -16.95
CA LYS A 444 -10.58 8.50 -18.01
C LYS A 444 -10.61 9.90 -17.42
N VAL A 445 -11.22 10.03 -16.24
CA VAL A 445 -11.33 11.31 -15.56
C VAL A 445 -10.25 11.43 -14.49
N GLN A 446 -10.11 10.38 -13.69
CA GLN A 446 -9.17 10.37 -12.58
C GLN A 446 -8.04 9.39 -12.86
N LEU A 447 -6.90 9.94 -13.28
CA LEU A 447 -5.71 9.15 -13.59
C LEU A 447 -5.39 8.20 -12.43
N PRO A 448 -5.21 6.90 -12.74
CA PRO A 448 -5.10 5.80 -11.77
C PRO A 448 -4.23 6.10 -10.55
N ASP A 449 -4.78 5.84 -9.37
CA ASP A 449 -4.04 5.98 -8.12
C ASP A 449 -4.21 4.73 -7.26
N SER A 450 -3.85 4.83 -5.99
CA SER A 450 -3.84 3.68 -5.09
C SER A 450 -5.23 3.23 -4.69
N GLU A 451 -6.25 4.01 -5.03
CA GLU A 451 -7.60 3.74 -4.55
C GLU A 451 -8.59 3.36 -5.66
N ASN A 452 -8.15 3.46 -6.91
CA ASN A 452 -9.04 3.15 -8.03
C ASN A 452 -8.53 1.98 -8.87
N VAL A 453 -7.55 1.26 -8.35
CA VAL A 453 -7.06 0.05 -9.01
C VAL A 453 -7.48 -1.16 -8.21
N PHE A 454 -7.05 -2.34 -8.64
CA PHE A 454 -7.33 -3.59 -7.93
C PHE A 454 -6.80 -3.48 -6.51
N PRO A 455 -7.69 -3.63 -5.52
CA PRO A 455 -7.44 -3.30 -4.11
C PRO A 455 -6.37 -4.15 -3.42
N TYR A 456 -6.18 -5.38 -3.88
CA TYR A 456 -5.24 -6.28 -3.23
C TYR A 456 -3.95 -6.41 -4.01
N TYR A 457 -2.89 -6.85 -3.33
CA TYR A 457 -1.56 -6.90 -3.91
C TYR A 457 -1.50 -7.79 -5.15
N HIS A 458 -0.87 -7.27 -6.21
CA HIS A 458 -0.68 -8.03 -7.43
C HIS A 458 0.55 -7.54 -8.19
N GLY A 459 1.48 -6.91 -7.46
CA GLY A 459 2.75 -6.51 -8.03
C GLY A 459 2.74 -5.26 -8.88
N LEU A 460 1.55 -4.82 -9.29
CA LEU A 460 1.43 -3.66 -10.16
C LEU A 460 1.02 -2.41 -9.38
N PRO A 461 1.91 -1.41 -9.34
CA PRO A 461 1.65 -0.08 -8.78
C PRO A 461 0.93 0.82 -9.77
N PRO A 462 0.32 1.92 -9.29
CA PRO A 462 -0.45 2.84 -10.14
C PRO A 462 0.28 3.36 -11.38
N TYR A 463 1.59 3.53 -11.32
CA TYR A 463 2.31 4.12 -12.45
C TYR A 463 2.40 3.15 -13.61
N SER A 464 2.21 1.87 -13.33
CA SER A 464 2.19 0.86 -14.38
C SER A 464 0.91 0.99 -15.21
N TYR A 465 -0.21 1.18 -14.52
CA TYR A 465 -1.49 1.42 -15.19
C TYR A 465 -1.44 2.72 -15.97
N MET A 466 -0.75 3.71 -15.40
CA MET A 466 -0.56 5.00 -16.05
C MET A 466 0.18 4.84 -17.38
N ALA A 467 1.28 4.09 -17.34
CA ALA A 467 2.15 3.93 -18.51
C ALA A 467 1.43 3.23 -19.66
N ILE A 468 0.68 2.18 -19.34
CA ILE A 468 0.00 1.40 -20.36
C ILE A 468 -1.12 2.23 -20.98
N LEU A 469 -1.83 2.98 -20.15
CA LEU A 469 -2.92 3.83 -20.63
C LEU A 469 -2.40 4.95 -21.53
N LEU A 470 -1.32 5.60 -21.11
CA LEU A 470 -0.76 6.72 -21.85
C LEU A 470 -0.06 6.26 -23.12
N GLY A 471 0.53 5.07 -23.09
CA GLY A 471 1.32 4.59 -24.20
C GLY A 471 0.56 3.88 -25.30
N THR A 472 -0.49 3.15 -24.93
CA THR A 472 -1.25 2.36 -25.89
C THR A 472 -2.22 3.26 -26.68
N GLY A 473 -2.76 4.29 -26.02
CA GLY A 473 -3.37 5.41 -26.71
C GLY A 473 -4.84 5.41 -27.10
N ALA A 474 -5.55 4.31 -26.91
CA ALA A 474 -6.96 4.25 -27.34
C ALA A 474 -7.90 4.81 -26.28
N ILE A 475 -7.49 4.76 -25.01
CA ILE A 475 -8.32 5.25 -23.93
C ILE A 475 -7.87 6.66 -23.54
N GLY A 476 -8.64 7.66 -23.98
CA GLY A 476 -8.30 9.05 -23.73
C GLY A 476 -8.35 9.46 -22.29
N LEU A 477 -7.25 10.01 -21.78
CA LEU A 477 -7.18 10.48 -20.41
C LEU A 477 -7.27 12.00 -20.36
N ARG A 478 -7.50 12.53 -19.16
CA ARG A 478 -7.55 13.97 -18.97
C ARG A 478 -6.75 14.37 -17.73
N PRO A 479 -6.12 15.56 -17.79
CA PRO A 479 -5.45 16.08 -16.59
C PRO A 479 -6.47 16.61 -15.59
N SER A 480 -6.26 16.34 -14.31
CA SER A 480 -7.17 16.80 -13.27
C SER A 480 -7.26 18.33 -13.28
N PRO A 481 -8.48 18.86 -13.12
CA PRO A 481 -8.77 20.30 -13.20
C PRO A 481 -7.91 21.17 -12.29
N ALA A 482 -7.43 20.61 -11.18
CA ALA A 482 -6.64 21.37 -10.22
C ALA A 482 -5.34 21.89 -10.83
N LEU A 483 -4.79 21.16 -11.79
CA LEU A 483 -3.53 21.53 -12.41
C LEU A 483 -3.69 22.73 -13.35
N ALA A 484 -4.93 23.11 -13.62
CA ALA A 484 -5.21 24.26 -14.46
C ALA A 484 -5.19 25.54 -13.62
N LEU A 485 -5.05 25.38 -12.31
CA LEU A 485 -5.01 26.52 -11.39
C LEU A 485 -3.72 26.53 -10.58
N ALA A 486 -2.87 25.54 -10.81
CA ALA A 486 -1.65 25.39 -10.03
C ALA A 486 -0.46 26.09 -10.68
N ASP A 487 0.52 26.47 -9.87
CA ASP A 487 1.75 27.05 -10.37
C ASP A 487 2.62 25.95 -10.98
N PRO A 488 2.78 25.99 -12.32
CA PRO A 488 3.47 24.91 -13.05
C PRO A 488 4.96 24.85 -12.79
N ALA A 489 5.49 25.84 -12.07
CA ALA A 489 6.92 25.97 -11.81
C ALA A 489 7.56 24.66 -11.35
N ALA A 490 7.32 24.29 -10.09
CA ALA A 490 7.92 23.11 -9.47
C ALA A 490 7.90 21.87 -10.37
N ALA A 491 6.82 21.70 -11.11
CA ALA A 491 6.69 20.58 -12.04
C ALA A 491 7.65 20.72 -13.21
N GLU A 492 7.81 21.95 -13.70
CA GLU A 492 8.70 22.19 -14.83
C GLU A 492 10.16 22.04 -14.44
N LYS A 493 10.46 22.19 -13.15
CA LYS A 493 11.82 22.02 -12.66
C LYS A 493 12.10 20.56 -12.38
N GLU A 494 11.04 19.80 -12.09
CA GLU A 494 11.18 18.36 -11.92
C GLU A 494 11.37 17.71 -13.29
N PHE A 495 10.65 18.21 -14.28
CA PHE A 495 10.79 17.75 -15.66
C PHE A 495 12.20 18.04 -16.16
N THR A 496 12.74 19.19 -15.79
CA THR A 496 14.07 19.59 -16.20
C THR A 496 15.13 18.73 -15.51
N ALA A 497 14.88 18.41 -14.23
CA ALA A 497 15.80 17.59 -13.45
C ALA A 497 15.92 16.18 -14.03
N ILE A 498 14.80 15.63 -14.48
CA ILE A 498 14.78 14.31 -15.09
C ILE A 498 15.54 14.32 -16.41
N ARG A 499 15.25 15.32 -17.24
CA ARG A 499 15.93 15.50 -18.51
C ARG A 499 17.44 15.68 -18.31
N ASP A 500 17.81 16.41 -17.26
CA ASP A 500 19.20 16.72 -16.99
C ASP A 500 20.01 15.49 -16.57
N ARG A 501 19.46 14.70 -15.64
CA ARG A 501 20.15 13.51 -15.18
C ARG A 501 20.22 12.46 -16.28
N ALA A 502 19.17 12.39 -17.09
CA ALA A 502 19.13 11.47 -18.22
C ALA A 502 20.24 11.78 -19.21
N ARG A 503 20.41 13.06 -19.51
CA ARG A 503 21.44 13.51 -20.44
C ARG A 503 22.83 13.22 -19.87
N PHE A 504 22.96 13.31 -18.56
CA PHE A 504 24.23 13.00 -17.91
C PHE A 504 24.53 11.51 -17.96
N LEU A 505 23.52 10.70 -17.63
CA LEU A 505 23.69 9.25 -17.60
C LEU A 505 23.96 8.67 -18.97
N VAL A 506 23.24 9.15 -19.99
CA VAL A 506 23.41 8.66 -21.36
C VAL A 506 24.83 8.93 -21.85
N ASP A 507 25.40 10.06 -21.43
CA ASP A 507 26.72 10.46 -21.89
C ASP A 507 27.87 9.86 -21.06
N THR A 508 27.54 9.20 -19.96
CA THR A 508 28.57 8.67 -19.07
C THR A 508 28.51 7.15 -18.91
N LEU A 509 27.33 6.58 -19.11
CA LEU A 509 27.15 5.13 -18.94
C LEU A 509 27.62 4.35 -20.17
N PRO A 510 28.16 3.14 -19.94
CA PRO A 510 28.60 2.25 -21.02
C PRO A 510 27.47 1.38 -21.54
N SER A 511 27.69 0.72 -22.68
CA SER A 511 26.76 -0.28 -23.15
C SER A 511 26.93 -1.54 -22.31
N GLN A 512 25.99 -2.46 -22.41
CA GLN A 512 26.03 -3.65 -21.57
C GLN A 512 27.19 -4.56 -21.94
N TYR A 513 27.47 -4.70 -23.24
CA TYR A 513 28.57 -5.55 -23.68
C TYR A 513 29.89 -5.03 -23.14
N GLU A 514 30.01 -3.71 -23.03
CA GLU A 514 31.20 -3.09 -22.44
C GLU A 514 31.29 -3.43 -20.95
N TYR A 515 30.13 -3.45 -20.29
CA TYR A 515 30.06 -3.74 -18.86
C TYR A 515 30.33 -5.21 -18.58
N PHE A 516 29.86 -6.09 -19.46
CA PHE A 516 30.01 -7.52 -19.25
C PHE A 516 31.34 -8.05 -19.80
N ALA A 517 32.03 -7.20 -20.56
CA ALA A 517 33.38 -7.55 -21.02
C ALA A 517 34.38 -7.27 -19.91
N ALA A 518 34.04 -6.34 -19.03
CA ALA A 518 34.90 -5.99 -17.91
C ALA A 518 34.63 -6.89 -16.69
N MET A 519 34.20 -8.11 -16.97
CA MET A 519 33.90 -9.11 -15.93
C MET A 519 32.89 -8.59 -14.93
N PRO B 6 -11.65 33.85 -11.70
CA PRO B 6 -11.19 32.87 -10.72
C PRO B 6 -12.35 32.09 -10.10
N ASP B 7 -12.11 30.83 -9.76
CA ASP B 7 -13.12 30.01 -9.08
C ASP B 7 -13.39 30.57 -7.69
N LYS B 8 -14.66 30.72 -7.36
CA LYS B 8 -15.06 31.30 -6.08
C LYS B 8 -15.47 30.23 -5.08
N VAL B 9 -14.73 30.14 -3.98
CA VAL B 9 -15.02 29.18 -2.92
C VAL B 9 -15.51 29.91 -1.67
N VAL B 10 -16.67 29.49 -1.16
CA VAL B 10 -17.24 30.11 0.02
C VAL B 10 -17.27 29.10 1.17
N ILE B 11 -16.62 29.45 2.27
CA ILE B 11 -16.55 28.57 3.43
C ILE B 11 -17.40 29.10 4.57
N VAL B 12 -18.36 28.30 5.02
CA VAL B 12 -19.19 28.67 6.15
C VAL B 12 -18.69 27.97 7.41
N GLY B 13 -18.17 28.74 8.36
CA GLY B 13 -17.63 28.21 9.59
C GLY B 13 -16.15 28.48 9.75
N GLY B 14 -15.76 28.83 10.98
CA GLY B 14 -14.37 29.13 11.26
C GLY B 14 -13.87 28.55 12.57
N GLY B 15 -13.94 27.24 12.71
CA GLY B 15 -13.50 26.57 13.92
C GLY B 15 -12.59 25.38 13.66
N THR B 16 -11.38 25.66 13.21
CA THR B 16 -10.36 24.66 12.85
C THR B 16 -10.68 23.97 11.51
N ALA B 17 -11.91 23.53 11.32
CA ALA B 17 -12.29 22.91 10.07
C ALA B 17 -12.29 23.93 8.94
N GLY B 18 -12.85 25.10 9.21
CA GLY B 18 -12.93 26.16 8.22
C GLY B 18 -11.60 26.80 7.89
N TRP B 19 -10.77 27.03 8.91
CA TRP B 19 -9.51 27.73 8.72
C TRP B 19 -8.41 26.82 8.16
N MET B 20 -8.48 25.53 8.47
CA MET B 20 -7.57 24.58 7.84
C MET B 20 -7.91 24.49 6.36
N THR B 21 -9.20 24.53 6.05
CA THR B 21 -9.66 24.48 4.67
C THR B 21 -9.25 25.75 3.93
N ALA B 22 -9.48 26.91 4.55
CA ALA B 22 -9.21 28.19 3.92
C ALA B 22 -7.73 28.39 3.65
N SER B 23 -6.89 28.03 4.62
CA SER B 23 -5.45 28.24 4.50
C SER B 23 -4.81 27.24 3.54
N TYR B 24 -5.35 26.02 3.50
CA TYR B 24 -4.82 24.98 2.64
C TYR B 24 -5.12 25.29 1.18
N LEU B 25 -6.35 25.69 0.91
CA LEU B 25 -6.77 26.04 -0.45
C LEU B 25 -5.99 27.23 -0.99
N LYS B 26 -5.77 28.22 -0.13
CA LYS B 26 -5.09 29.45 -0.54
C LYS B 26 -3.61 29.19 -0.78
N LYS B 27 -3.03 28.23 -0.07
CA LYS B 27 -1.64 27.87 -0.27
C LYS B 27 -1.49 26.99 -1.50
N ALA B 28 -2.48 26.13 -1.72
CA ALA B 28 -2.46 25.21 -2.86
C ALA B 28 -2.61 25.98 -4.17
N PHE B 29 -3.65 26.79 -4.26
CA PHE B 29 -3.91 27.57 -5.46
C PHE B 29 -3.41 29.00 -5.31
N GLY B 30 -4.13 29.79 -4.51
CA GLY B 30 -3.77 31.19 -4.31
C GLY B 30 -4.06 32.04 -5.53
N GLU B 31 -4.38 33.31 -5.30
CA GLU B 31 -4.74 34.30 -6.35
C GLU B 31 -5.61 33.78 -7.51
N ARG B 32 -5.38 32.55 -7.95
CA ARG B 32 -6.18 31.93 -9.00
C ARG B 32 -7.45 31.31 -8.43
N VAL B 33 -7.62 31.42 -7.12
CA VAL B 33 -8.87 31.01 -6.48
C VAL B 33 -9.22 32.04 -5.41
N SER B 34 -10.51 32.29 -5.24
CA SER B 34 -10.95 33.29 -4.27
C SER B 34 -11.69 32.63 -3.12
N VAL B 35 -11.25 32.91 -1.90
CA VAL B 35 -11.80 32.27 -0.72
C VAL B 35 -12.46 33.28 0.21
N THR B 36 -13.72 33.01 0.54
CA THR B 36 -14.45 33.84 1.51
C THR B 36 -14.98 32.98 2.64
N LEU B 37 -14.60 33.32 3.87
CA LEU B 37 -15.01 32.55 5.04
C LEU B 37 -16.04 33.33 5.86
N VAL B 38 -17.18 32.70 6.12
CA VAL B 38 -18.25 33.31 6.89
C VAL B 38 -18.47 32.54 8.18
N GLU B 39 -18.18 33.19 9.31
CA GLU B 39 -18.34 32.55 10.61
C GLU B 39 -19.22 33.38 11.55
N SER B 40 -20.04 32.70 12.33
CA SER B 40 -20.93 33.35 13.28
C SER B 40 -20.15 33.97 14.44
N GLY B 41 -20.63 35.12 14.90
CA GLY B 41 -20.01 35.80 16.02
C GLY B 41 -20.73 35.56 17.33
N THR B 42 -21.66 34.62 17.32
CA THR B 42 -22.42 34.25 18.51
C THR B 42 -22.27 32.77 18.80
N ILE B 43 -22.30 31.97 17.73
CA ILE B 43 -22.08 30.53 17.84
C ILE B 43 -20.58 30.27 17.96
N GLY B 44 -20.19 29.53 18.99
CA GLY B 44 -18.78 29.24 19.22
C GLY B 44 -18.34 27.91 18.63
N THR B 45 -17.08 27.57 18.86
CA THR B 45 -16.54 26.29 18.41
C THR B 45 -16.93 25.21 19.43
N VAL B 46 -16.56 23.96 19.14
CA VAL B 46 -17.17 22.83 19.85
C VAL B 46 -16.91 22.71 21.39
N GLY B 47 -15.73 23.02 21.94
CA GLY B 47 -14.53 23.52 21.29
C GLY B 47 -13.30 22.79 21.76
N VAL B 48 -13.20 21.51 21.42
CA VAL B 48 -12.06 20.68 21.79
C VAL B 48 -11.26 20.33 20.54
N GLY B 49 -10.49 19.25 20.62
CA GLY B 49 -9.64 18.84 19.51
C GLY B 49 -8.20 19.26 19.69
N GLU B 50 -7.53 18.62 20.64
CA GLU B 50 -6.20 19.08 21.06
C GLU B 50 -5.07 18.16 20.61
N ALA B 51 -5.36 16.89 20.41
CA ALA B 51 -4.34 15.93 19.99
C ALA B 51 -4.50 15.57 18.52
N THR B 52 -3.41 15.17 17.86
CA THR B 52 -3.45 14.88 16.43
C THR B 52 -2.93 13.50 16.06
N PHE B 53 -2.80 13.27 14.76
CA PHE B 53 -2.45 11.97 14.20
C PHE B 53 -1.15 12.05 13.42
N SER B 54 -0.71 10.91 12.87
CA SER B 54 0.58 10.82 12.19
C SER B 54 0.66 11.65 10.90
N ASP B 55 -0.47 12.14 10.44
CA ASP B 55 -0.55 12.87 9.18
C ASP B 55 -0.22 14.36 9.36
N ILE B 56 -0.29 14.83 10.59
CA ILE B 56 -0.36 16.27 10.88
C ILE B 56 0.89 17.04 10.43
N ARG B 57 2.04 16.37 10.39
CA ARG B 57 3.28 17.06 10.03
C ARG B 57 3.28 17.51 8.57
N HIS B 58 2.69 16.70 7.70
CA HIS B 58 2.64 17.00 6.28
CA HIS B 58 2.65 17.00 6.28
C HIS B 58 1.76 18.22 6.01
N PHE B 59 0.83 18.48 6.92
CA PHE B 59 -0.06 19.63 6.79
C PHE B 59 0.69 20.93 6.99
N PHE B 60 1.51 20.98 8.05
CA PHE B 60 2.27 22.18 8.36
C PHE B 60 3.41 22.40 7.36
N GLU B 61 3.90 21.31 6.78
CA GLU B 61 4.93 21.39 5.75
C GLU B 61 4.35 21.97 4.47
N PHE B 62 3.10 21.61 4.18
CA PHE B 62 2.41 22.12 3.01
C PHE B 62 2.17 23.62 3.14
N LEU B 63 1.91 24.07 4.37
CA LEU B 63 1.69 25.48 4.65
C LEU B 63 3.01 26.24 4.74
N ASP B 64 4.11 25.51 4.53
CA ASP B 64 5.46 26.07 4.61
C ASP B 64 5.71 26.67 6.00
N LEU B 65 5.17 26.01 7.02
CA LEU B 65 5.32 26.48 8.40
C LEU B 65 6.29 25.60 9.18
N ARG B 66 7.37 26.20 9.66
CA ARG B 66 8.29 25.51 10.56
C ARG B 66 7.66 25.43 11.95
N GLU B 67 8.15 24.50 12.77
CA GLU B 67 7.57 24.27 14.09
C GLU B 67 7.64 25.50 14.99
N GLU B 68 8.75 26.22 14.93
CA GLU B 68 8.96 27.38 15.78
C GLU B 68 8.03 28.54 15.44
N GLU B 69 7.40 28.47 14.26
CA GLU B 69 6.51 29.53 13.80
C GLU B 69 5.12 29.46 14.43
N TRP B 70 4.67 28.25 14.77
CA TRP B 70 3.30 28.06 15.19
C TRP B 70 3.15 27.38 16.56
N MET B 71 4.12 26.55 16.93
CA MET B 71 4.02 25.79 18.18
C MET B 71 3.95 26.66 19.44
N PRO B 72 4.82 27.68 19.57
CA PRO B 72 4.68 28.49 20.79
C PRO B 72 3.38 29.28 20.84
N ALA B 73 2.85 29.63 19.66
CA ALA B 73 1.63 30.43 19.57
C ALA B 73 0.40 29.61 19.96
N CYS B 74 0.53 28.29 19.94
CA CYS B 74 -0.59 27.40 20.21
C CYS B 74 -0.40 26.55 21.46
N ASN B 75 0.65 26.85 22.21
CA ASN B 75 1.03 26.07 23.38
C ASN B 75 1.18 24.59 23.02
N ALA B 76 1.94 24.34 21.96
CA ALA B 76 2.01 23.00 21.38
C ALA B 76 3.10 22.13 22.01
N THR B 77 2.81 20.84 22.11
CA THR B 77 3.77 19.85 22.58
C THR B 77 3.84 18.67 21.62
N TYR B 78 4.74 17.73 21.87
CA TYR B 78 4.92 16.60 20.97
C TYR B 78 4.12 15.38 21.40
N LYS B 79 3.59 14.65 20.40
CA LYS B 79 2.86 13.43 20.65
C LYS B 79 3.55 12.24 19.97
N LEU B 80 4.19 11.40 20.77
CA LEU B 80 4.92 10.25 20.25
C LEU B 80 4.01 9.03 20.13
N ALA B 81 3.00 8.96 20.99
CA ALA B 81 2.11 7.81 21.04
C ALA B 81 0.81 8.15 21.76
N VAL B 82 -0.06 7.15 21.87
CA VAL B 82 -1.23 7.26 22.72
C VAL B 82 -1.16 6.14 23.77
N ARG B 83 -1.22 6.53 25.03
CA ARG B 83 -1.09 5.58 26.14
C ARG B 83 -2.44 5.06 26.59
N PHE B 84 -2.70 3.79 26.30
CA PHE B 84 -3.92 3.15 26.75
C PHE B 84 -3.74 2.57 28.15
N GLN B 85 -4.49 3.10 29.10
CA GLN B 85 -4.34 2.74 30.50
C GLN B 85 -5.55 1.95 31.02
N ASP B 86 -5.26 0.82 31.66
CA ASP B 86 -6.26 0.00 32.34
C ASP B 86 -7.31 -0.60 31.39
N TRP B 87 -6.97 -0.73 30.11
CA TRP B 87 -7.90 -1.30 29.13
C TRP B 87 -7.91 -2.83 29.20
N GLN B 88 -6.82 -3.41 29.70
CA GLN B 88 -6.73 -4.86 29.84
C GLN B 88 -6.91 -5.28 31.31
N ARG B 89 -6.13 -4.67 32.19
CA ARG B 89 -6.21 -4.95 33.62
C ARG B 89 -5.71 -3.75 34.40
N PRO B 90 -6.22 -3.57 35.64
CA PRO B 90 -5.86 -2.44 36.49
C PRO B 90 -4.34 -2.28 36.69
N GLY B 91 -3.80 -1.14 36.28
CA GLY B 91 -2.40 -0.85 36.48
C GLY B 91 -1.54 -1.12 35.26
N HIS B 92 -2.11 -1.79 34.27
CA HIS B 92 -1.38 -2.12 33.05
C HIS B 92 -1.59 -1.08 31.97
N HIS B 93 -0.54 -0.80 31.20
CA HIS B 93 -0.63 0.14 30.09
C HIS B 93 0.27 -0.27 28.94
N PHE B 94 -0.07 0.17 27.74
CA PHE B 94 0.75 -0.05 26.57
C PHE B 94 0.63 1.15 25.65
N TYR B 95 1.54 1.26 24.69
CA TYR B 95 1.54 2.41 23.78
C TYR B 95 1.22 2.01 22.35
N HIS B 96 0.45 2.86 21.69
CA HIS B 96 0.26 2.78 20.25
C HIS B 96 1.07 3.91 19.63
N PRO B 97 2.32 3.63 19.26
CA PRO B 97 3.29 4.66 18.85
C PRO B 97 3.23 5.02 17.37
N PHE B 98 3.77 6.19 17.05
CA PHE B 98 3.95 6.60 15.67
C PHE B 98 5.35 6.20 15.22
N GLU B 99 5.55 4.89 15.08
CA GLU B 99 6.85 4.33 14.74
C GLU B 99 6.67 3.11 13.86
N GLN B 100 7.43 3.06 12.76
CA GLN B 100 7.31 1.97 11.80
C GLN B 100 7.69 0.62 12.42
N MET B 101 6.96 -0.42 12.03
CA MET B 101 7.26 -1.77 12.51
C MET B 101 8.43 -2.33 11.74
N ARG B 102 9.35 -3.00 12.45
CA ARG B 102 10.53 -3.57 11.84
C ARG B 102 10.29 -5.01 11.39
N SER B 103 10.97 -5.41 10.33
CA SER B 103 10.83 -6.76 9.79
C SER B 103 12.14 -7.53 9.85
N VAL B 104 12.08 -8.78 10.29
CA VAL B 104 13.24 -9.64 10.30
C VAL B 104 12.93 -10.91 9.50
N ASP B 105 13.64 -11.07 8.38
CA ASP B 105 13.49 -12.22 7.50
C ASP B 105 12.06 -12.37 6.96
N GLY B 106 11.40 -11.24 6.71
CA GLY B 106 10.09 -11.25 6.10
C GLY B 106 8.93 -11.19 7.07
N PHE B 107 9.21 -11.36 8.36
CA PHE B 107 8.17 -11.33 9.38
C PHE B 107 8.30 -10.09 10.25
N PRO B 108 7.16 -9.47 10.59
CA PRO B 108 7.17 -8.30 11.48
C PRO B 108 7.70 -8.67 12.86
N LEU B 109 8.33 -7.70 13.55
CA LEU B 109 8.99 -7.97 14.82
C LEU B 109 7.99 -8.40 15.90
N THR B 110 6.73 -8.02 15.73
CA THR B 110 5.68 -8.41 16.66
C THR B 110 5.37 -9.90 16.53
N ASP B 111 5.60 -10.46 15.34
CA ASP B 111 5.40 -11.88 15.12
C ASP B 111 6.51 -12.66 15.83
N TRP B 112 7.72 -12.15 15.77
CA TRP B 112 8.86 -12.75 16.47
C TRP B 112 8.65 -12.67 17.98
N TRP B 113 8.04 -11.58 18.43
CA TRP B 113 7.77 -11.36 19.84
C TRP B 113 6.78 -12.40 20.37
N LEU B 114 5.80 -12.73 19.53
CA LEU B 114 4.81 -13.75 19.87
C LEU B 114 5.47 -15.12 19.98
N GLN B 115 6.55 -15.32 19.23
CA GLN B 115 7.27 -16.58 19.23
C GLN B 115 8.17 -16.73 20.44
N ASN B 116 9.04 -15.74 20.65
CA ASN B 116 9.98 -15.78 21.76
C ASN B 116 10.45 -14.37 22.15
N GLY B 117 9.52 -13.56 22.66
CA GLY B 117 9.83 -12.21 23.08
C GLY B 117 10.51 -12.16 24.44
N PRO B 118 11.47 -11.24 24.59
CA PRO B 118 12.23 -11.07 25.83
C PRO B 118 11.36 -10.68 27.02
N THR B 119 10.67 -9.55 26.90
CA THR B 119 9.86 -9.02 27.99
C THR B 119 8.37 -9.29 27.71
N ASP B 120 7.54 -9.21 28.73
CA ASP B 120 6.10 -9.43 28.58
C ASP B 120 5.40 -8.20 28.00
N ARG B 121 6.17 -7.19 27.62
CA ARG B 121 5.62 -5.97 27.04
C ARG B 121 6.11 -5.78 25.61
N PHE B 122 5.21 -6.01 24.65
CA PHE B 122 5.57 -5.97 23.23
C PHE B 122 6.01 -4.58 22.78
N ASP B 123 5.38 -3.55 23.32
CA ASP B 123 5.65 -2.18 22.90
C ASP B 123 7.05 -1.76 23.31
N ARG B 124 7.47 -2.17 24.49
CA ARG B 124 8.80 -1.85 24.98
C ARG B 124 9.87 -2.64 24.22
N ASP B 125 9.49 -3.81 23.74
CA ASP B 125 10.41 -4.68 23.01
C ASP B 125 10.52 -4.31 21.54
N CYS B 126 9.41 -3.88 20.94
CA CYS B 126 9.36 -3.66 19.50
C CYS B 126 9.44 -2.18 19.12
N PHE B 127 9.04 -1.30 20.02
CA PHE B 127 9.03 0.13 19.72
C PHE B 127 9.98 0.91 20.60
N VAL B 128 10.80 1.76 19.98
CA VAL B 128 11.80 2.55 20.69
C VAL B 128 11.14 3.66 21.50
N MET B 129 10.17 4.34 20.89
CA MET B 129 9.55 5.49 21.52
C MET B 129 8.70 5.09 22.74
N ALA B 130 8.39 3.81 22.87
CA ALA B 130 7.66 3.33 24.03
C ALA B 130 8.51 3.49 25.29
N SER B 131 9.82 3.41 25.12
CA SER B 131 10.76 3.61 26.22
C SER B 131 10.88 5.10 26.55
N LEU B 132 10.78 5.93 25.51
CA LEU B 132 10.87 7.38 25.69
C LEU B 132 9.63 7.91 26.39
N CYS B 133 8.48 7.33 26.07
CA CYS B 133 7.22 7.74 26.68
C CYS B 133 7.20 7.42 28.17
N ASP B 134 7.68 6.24 28.52
CA ASP B 134 7.75 5.82 29.92
C ASP B 134 8.75 6.67 30.70
N ALA B 135 9.74 7.21 29.98
CA ALA B 135 10.77 8.03 30.60
C ALA B 135 10.48 9.52 30.45
N GLY B 136 9.35 9.83 29.82
CA GLY B 136 8.93 11.21 29.61
C GLY B 136 9.93 12.06 28.85
N ARG B 137 10.59 11.45 27.87
CA ARG B 137 11.63 12.13 27.11
C ARG B 137 11.04 12.99 25.99
N SER B 138 11.82 14.00 25.59
CA SER B 138 11.49 14.79 24.41
C SER B 138 12.08 14.10 23.18
N PRO B 139 11.36 14.14 22.06
CA PRO B 139 11.89 13.54 20.83
C PRO B 139 13.10 14.32 20.29
N ARG B 140 13.23 15.57 20.73
CA ARG B 140 14.33 16.40 20.30
C ARG B 140 15.24 16.77 21.48
N TYR B 141 16.53 16.92 21.22
CA TYR B 141 17.48 17.34 22.25
C TYR B 141 17.33 18.83 22.53
N LEU B 142 18.15 19.34 23.44
CA LEU B 142 18.08 20.75 23.82
C LEU B 142 18.68 21.66 22.75
N ASN B 143 19.10 21.08 21.64
CA ASN B 143 19.70 21.85 20.55
C ASN B 143 18.95 21.66 19.23
N GLY B 144 17.79 21.01 19.29
CA GLY B 144 16.94 20.87 18.13
C GLY B 144 17.10 19.59 17.34
N SER B 145 18.16 18.84 17.61
CA SER B 145 18.42 17.59 16.91
C SER B 145 17.32 16.57 17.15
N LEU B 146 17.19 15.61 16.24
CA LEU B 146 16.15 14.60 16.34
C LEU B 146 16.73 13.20 16.43
N GLN B 171 11.72 6.24 10.26
CA GLN B 171 10.55 7.08 10.04
C GLN B 171 9.75 7.26 11.34
N PHE B 172 9.77 8.48 11.86
CA PHE B 172 9.04 8.81 13.07
C PHE B 172 8.05 9.94 12.81
N PRO B 173 6.83 9.59 12.36
CA PRO B 173 5.79 10.57 12.07
C PRO B 173 5.04 11.03 13.32
N TYR B 174 5.77 11.61 14.27
CA TYR B 174 5.17 12.06 15.52
C TYR B 174 4.15 13.17 15.30
N ALA B 175 3.18 13.26 16.20
CA ALA B 175 2.13 14.26 16.09
C ALA B 175 2.30 15.37 17.13
N TYR B 176 1.24 16.14 17.34
CA TYR B 176 1.29 17.27 18.27
C TYR B 176 0.07 17.33 19.17
N HIS B 177 0.25 17.94 20.33
CA HIS B 177 -0.87 18.43 21.12
C HIS B 177 -0.86 19.96 21.06
N PHE B 178 -2.03 20.58 21.00
CA PHE B 178 -2.11 22.04 20.96
C PHE B 178 -3.50 22.53 21.33
N GLU B 179 -3.63 23.83 21.59
CA GLU B 179 -4.95 24.42 21.81
C GLU B 179 -5.61 24.66 20.46
N ALA B 180 -6.74 24.00 20.23
CA ALA B 180 -7.46 24.13 18.97
C ALA B 180 -7.92 25.57 18.74
N ALA B 181 -8.25 26.26 19.83
CA ALA B 181 -8.70 27.64 19.76
C ALA B 181 -7.59 28.56 19.26
N LEU B 182 -6.38 28.32 19.74
CA LEU B 182 -5.24 29.16 19.37
C LEU B 182 -4.79 28.89 17.94
N LEU B 183 -4.83 27.63 17.52
CA LEU B 183 -4.46 27.27 16.17
C LEU B 183 -5.42 27.89 15.16
N ALA B 184 -6.69 27.97 15.56
CA ALA B 184 -7.72 28.57 14.71
C ALA B 184 -7.40 30.03 14.40
N GLU B 185 -7.03 30.78 15.44
CA GLU B 185 -6.71 32.19 15.27
C GLU B 185 -5.42 32.38 14.47
N PHE B 186 -4.46 31.49 14.69
CA PHE B 186 -3.19 31.53 13.98
C PHE B 186 -3.40 31.34 12.48
N LEU B 187 -4.26 30.38 12.13
CA LEU B 187 -4.54 30.08 10.74
C LEU B 187 -5.34 31.19 10.09
N SER B 188 -6.20 31.83 10.87
CA SER B 188 -6.99 32.95 10.37
C SER B 188 -6.06 34.07 9.92
N GLY B 189 -5.04 34.32 10.71
CA GLY B 189 -4.01 35.27 10.33
C GLY B 189 -3.27 34.80 9.09
N TYR B 190 -2.89 33.53 9.09
CA TYR B 190 -2.23 32.91 7.94
C TYR B 190 -3.10 33.02 6.70
N SER B 191 -4.40 32.82 6.88
CA SER B 191 -5.35 32.88 5.77
C SER B 191 -5.50 34.30 5.25
N LYS B 192 -5.79 35.23 6.16
CA LYS B 192 -6.03 36.62 5.78
C LYS B 192 -4.77 37.32 5.29
N ASP B 193 -3.60 36.79 5.67
CA ASP B 193 -2.33 37.33 5.20
C ASP B 193 -2.08 36.95 3.74
N ARG B 194 -2.97 36.16 3.16
CA ARG B 194 -2.78 35.68 1.79
C ARG B 194 -4.00 35.95 0.92
N GLY B 195 -4.95 36.72 1.44
CA GLY B 195 -6.07 37.17 0.64
C GLY B 195 -7.42 36.54 0.93
N VAL B 196 -7.48 35.72 1.98
CA VAL B 196 -8.74 35.10 2.36
C VAL B 196 -9.68 36.15 2.93
N LYS B 197 -10.77 36.42 2.21
CA LYS B 197 -11.75 37.40 2.64
C LYS B 197 -12.55 36.86 3.83
N HIS B 198 -12.55 37.62 4.93
CA HIS B 198 -13.18 37.18 6.17
C HIS B 198 -14.42 37.99 6.49
N VAL B 199 -15.52 37.29 6.79
CA VAL B 199 -16.76 37.94 7.15
C VAL B 199 -17.32 37.33 8.44
N VAL B 200 -17.60 38.18 9.42
CA VAL B 200 -18.19 37.72 10.68
C VAL B 200 -19.68 38.04 10.69
N ASP B 201 -20.50 37.01 10.44
CA ASP B 201 -21.95 37.20 10.37
C ASP B 201 -22.68 35.87 10.49
N GLU B 202 -23.99 35.95 10.72
CA GLU B 202 -24.83 34.75 10.79
C GLU B 202 -25.34 34.37 9.41
N VAL B 203 -25.20 33.10 9.05
CA VAL B 203 -25.79 32.61 7.81
C VAL B 203 -27.23 32.21 8.12
N LEU B 204 -28.18 33.03 7.66
CA LEU B 204 -29.58 32.85 8.01
C LEU B 204 -30.33 31.96 7.04
N GLU B 205 -29.76 31.76 5.85
CA GLU B 205 -30.46 30.99 4.82
C GLU B 205 -29.52 30.49 3.72
N VAL B 206 -29.81 29.30 3.21
CA VAL B 206 -29.09 28.76 2.06
C VAL B 206 -30.08 28.59 0.92
N LYS B 207 -29.99 29.46 -0.08
CA LYS B 207 -30.94 29.45 -1.18
C LYS B 207 -30.49 28.54 -2.33
N LEU B 208 -31.40 27.66 -2.74
CA LEU B 208 -31.11 26.68 -3.78
C LEU B 208 -31.74 27.09 -5.10
N ASP B 209 -31.01 26.89 -6.19
CA ASP B 209 -31.53 27.26 -7.52
C ASP B 209 -32.46 26.19 -8.08
N ASP B 210 -32.49 26.08 -9.40
CA ASP B 210 -33.39 25.15 -10.08
C ASP B 210 -32.99 23.70 -9.85
N ARG B 211 -31.74 23.38 -10.16
CA ARG B 211 -31.24 22.01 -10.03
C ARG B 211 -31.26 21.52 -8.60
N GLY B 212 -31.10 22.45 -7.66
CA GLY B 212 -30.99 22.11 -6.25
C GLY B 212 -29.61 22.39 -5.73
N TRP B 213 -28.80 23.08 -6.54
CA TRP B 213 -27.46 23.48 -6.14
C TRP B 213 -27.54 24.73 -5.28
N ILE B 214 -26.40 25.29 -4.92
CA ILE B 214 -26.39 26.46 -4.06
C ILE B 214 -26.06 27.72 -4.86
N SER B 215 -27.00 28.65 -4.89
CA SER B 215 -26.79 29.93 -5.55
C SER B 215 -26.00 30.87 -4.65
N HIS B 216 -26.46 31.01 -3.41
CA HIS B 216 -25.80 31.86 -2.43
C HIS B 216 -26.31 31.60 -1.02
N VAL B 217 -25.58 32.11 -0.03
CA VAL B 217 -26.04 32.07 1.35
C VAL B 217 -26.43 33.47 1.80
N VAL B 218 -27.50 33.56 2.56
CA VAL B 218 -28.02 34.85 3.02
C VAL B 218 -27.53 35.16 4.43
N THR B 219 -26.73 36.21 4.55
CA THR B 219 -26.24 36.64 5.86
C THR B 219 -27.24 37.60 6.52
N LYS B 220 -26.95 38.01 7.74
CA LYS B 220 -27.87 38.85 8.50
C LYS B 220 -27.75 40.32 8.09
N GLU B 221 -26.54 40.77 7.81
CA GLU B 221 -26.32 42.17 7.45
C GLU B 221 -25.05 42.37 6.60
N HIS B 222 -24.79 41.42 5.72
CA HIS B 222 -23.73 41.57 4.72
C HIS B 222 -24.28 41.19 3.35
N GLY B 223 -25.58 41.02 3.28
CA GLY B 223 -26.24 40.64 2.04
C GLY B 223 -25.94 39.22 1.62
N ASP B 224 -26.26 38.88 0.37
CA ASP B 224 -26.00 37.56 -0.16
C ASP B 224 -24.53 37.38 -0.50
N ILE B 225 -23.99 36.21 -0.19
CA ILE B 225 -22.62 35.87 -0.57
C ILE B 225 -22.65 34.65 -1.49
N GLY B 226 -22.33 34.87 -2.76
CA GLY B 226 -22.37 33.82 -3.75
C GLY B 226 -21.01 33.23 -4.07
N GLY B 227 -21.01 32.16 -4.86
CA GLY B 227 -19.78 31.49 -5.24
C GLY B 227 -20.04 30.26 -6.07
N ASP B 228 -18.97 29.60 -6.51
CA ASP B 228 -19.09 28.39 -7.30
C ASP B 228 -19.15 27.16 -6.41
N LEU B 229 -18.26 27.10 -5.43
CA LEU B 229 -18.19 25.95 -4.52
C LEU B 229 -18.42 26.41 -3.08
N PHE B 230 -19.25 25.65 -2.36
CA PHE B 230 -19.56 25.97 -0.97
C PHE B 230 -19.04 24.88 -0.04
N VAL B 231 -18.37 25.28 1.03
CA VAL B 231 -17.79 24.32 1.97
C VAL B 231 -18.48 24.41 3.32
N ASP B 232 -19.14 23.32 3.72
CA ASP B 232 -19.84 23.27 4.99
C ASP B 232 -18.88 22.91 6.12
N CYS B 233 -18.58 23.88 6.97
CA CYS B 233 -17.75 23.66 8.15
C CYS B 233 -18.47 24.16 9.39
N THR B 234 -19.78 23.94 9.44
CA THR B 234 -20.61 24.47 10.51
C THR B 234 -20.71 23.51 11.71
N GLY B 235 -19.91 22.45 11.69
CA GLY B 235 -19.90 21.50 12.78
C GLY B 235 -21.04 20.49 12.74
N PHE B 236 -21.43 20.01 13.91
CA PHE B 236 -22.46 18.97 14.03
C PHE B 236 -23.79 19.36 13.39
N ARG B 237 -24.03 20.66 13.27
CA ARG B 237 -25.29 21.17 12.72
C ARG B 237 -25.50 20.75 11.27
N GLY B 238 -24.45 20.87 10.47
CA GLY B 238 -24.54 20.57 9.05
C GLY B 238 -25.59 21.40 8.36
N VAL B 239 -25.45 22.73 8.49
CA VAL B 239 -26.45 23.67 8.00
C VAL B 239 -26.60 23.59 6.49
N LEU B 240 -25.49 23.36 5.79
CA LEU B 240 -25.50 23.36 4.33
C LEU B 240 -25.75 21.97 3.74
N LEU B 241 -24.94 21.00 4.16
CA LEU B 241 -25.02 19.66 3.57
C LEU B 241 -26.20 18.85 4.09
N ASN B 242 -26.39 18.85 5.41
CA ASN B 242 -27.40 17.99 6.03
C ASN B 242 -28.78 18.63 6.07
N GLN B 243 -28.83 19.93 6.38
CA GLN B 243 -30.11 20.61 6.55
C GLN B 243 -30.64 21.20 5.24
N ALA B 244 -29.78 21.92 4.52
CA ALA B 244 -30.20 22.61 3.31
C ALA B 244 -30.37 21.66 2.13
N LEU B 245 -29.48 20.68 2.03
CA LEU B 245 -29.50 19.75 0.89
C LEU B 245 -30.08 18.39 1.27
N GLY B 246 -30.32 18.18 2.55
CA GLY B 246 -30.97 16.97 3.03
C GLY B 246 -30.20 15.68 2.82
N VAL B 247 -28.88 15.74 3.02
CA VAL B 247 -28.05 14.54 2.96
C VAL B 247 -28.20 13.75 4.25
N PRO B 248 -28.64 12.49 4.15
CA PRO B 248 -28.86 11.62 5.32
C PRO B 248 -27.59 11.36 6.12
N PHE B 249 -27.75 10.98 7.38
CA PHE B 249 -26.61 10.72 8.25
C PHE B 249 -26.59 9.26 8.69
N VAL B 250 -25.46 8.59 8.46
CA VAL B 250 -25.31 7.19 8.84
C VAL B 250 -24.71 7.11 10.24
N SER B 251 -25.47 6.58 11.19
CA SER B 251 -25.04 6.51 12.59
C SER B 251 -24.12 5.32 12.84
N TYR B 252 -23.06 5.55 13.60
CA TYR B 252 -22.13 4.49 13.98
C TYR B 252 -22.40 4.01 15.41
N GLN B 253 -23.42 4.58 16.04
CA GLN B 253 -23.67 4.36 17.47
C GLN B 253 -24.13 2.93 17.79
N ASP B 254 -24.51 2.16 16.78
CA ASP B 254 -24.95 0.79 17.01
C ASP B 254 -23.77 -0.10 17.36
N THR B 255 -22.56 0.36 17.04
CA THR B 255 -21.35 -0.39 17.33
C THR B 255 -20.44 0.42 18.25
N LEU B 256 -20.69 1.71 18.33
CA LEU B 256 -19.93 2.60 19.21
C LEU B 256 -20.89 3.50 20.00
N PRO B 257 -21.34 3.02 21.16
CA PRO B 257 -22.40 3.66 21.96
C PRO B 257 -22.01 4.99 22.60
N ASN B 258 -20.71 5.28 22.67
CA ASN B 258 -20.24 6.53 23.27
C ASN B 258 -20.82 7.73 22.52
N ASP B 259 -21.72 8.45 23.17
CA ASP B 259 -22.47 9.52 22.53
C ASP B 259 -22.28 10.88 23.21
N SER B 260 -21.64 10.87 24.38
CA SER B 260 -21.50 12.10 25.16
C SER B 260 -20.08 12.30 25.67
N ALA B 261 -19.77 13.53 26.07
CA ALA B 261 -18.46 13.86 26.59
C ALA B 261 -18.50 15.13 27.43
N VAL B 262 -17.68 15.16 28.48
CA VAL B 262 -17.54 16.34 29.32
C VAL B 262 -16.06 16.66 29.45
N ALA B 263 -15.67 17.88 29.12
CA ALA B 263 -14.26 18.24 29.04
C ALA B 263 -13.88 19.42 29.94
N LEU B 264 -12.59 19.47 30.31
CA LEU B 264 -12.06 20.56 31.12
C LEU B 264 -10.74 21.06 30.55
N GLN B 265 -10.33 22.24 31.01
CA GLN B 265 -8.99 22.74 30.76
C GLN B 265 -8.37 23.14 32.10
N VAL B 266 -7.37 22.37 32.54
CA VAL B 266 -6.83 22.54 33.88
C VAL B 266 -5.42 23.10 33.86
N PRO B 267 -5.27 24.38 34.22
CA PRO B 267 -3.94 25.00 34.36
C PRO B 267 -3.11 24.30 35.44
N LEU B 268 -1.89 23.91 35.10
CA LEU B 268 -1.03 23.19 36.02
C LEU B 268 0.42 23.66 35.93
N ASP B 269 1.16 23.49 37.01
CA ASP B 269 2.60 23.65 36.98
C ASP B 269 3.21 22.38 36.41
N MET B 270 3.32 22.34 35.08
CA MET B 270 3.74 21.14 34.37
C MET B 270 5.15 20.67 34.77
N GLU B 271 5.92 21.58 35.37
CA GLU B 271 7.27 21.29 35.81
C GLU B 271 7.31 20.18 36.86
N ALA B 272 6.32 20.19 37.75
CA ALA B 272 6.28 19.27 38.88
C ALA B 272 6.11 17.81 38.44
N ARG B 273 5.10 17.55 37.62
CA ARG B 273 4.79 16.18 37.22
C ARG B 273 5.12 15.91 35.75
N GLY B 274 5.85 16.84 35.12
CA GLY B 274 6.33 16.64 33.77
C GLY B 274 5.31 16.85 32.67
N ILE B 275 5.81 16.93 31.43
CA ILE B 275 4.96 17.00 30.25
C ILE B 275 5.10 15.71 29.46
N PRO B 276 4.12 14.80 29.59
CA PRO B 276 4.16 13.51 28.89
C PRO B 276 4.15 13.67 27.38
N PRO B 277 5.06 12.97 26.68
CA PRO B 277 5.13 13.03 25.22
C PRO B 277 4.09 12.15 24.54
N TYR B 278 2.88 12.11 25.10
CA TYR B 278 1.83 11.25 24.58
C TYR B 278 0.45 11.68 25.07
N THR B 279 -0.58 11.17 24.40
CA THR B 279 -1.96 11.32 24.86
C THR B 279 -2.35 10.08 25.63
N ARG B 280 -2.95 10.25 26.80
CA ARG B 280 -3.37 9.09 27.59
C ARG B 280 -4.86 8.82 27.46
N ALA B 281 -5.21 7.54 27.34
CA ALA B 281 -6.62 7.13 27.31
C ALA B 281 -6.89 6.14 28.43
N THR B 282 -7.30 6.66 29.59
CA THR B 282 -7.57 5.83 30.75
C THR B 282 -8.99 5.28 30.72
N ALA B 283 -9.13 3.96 30.68
CA ALA B 283 -10.44 3.32 30.68
C ALA B 283 -11.14 3.54 32.01
N LYS B 284 -12.43 3.85 31.95
CA LYS B 284 -13.21 4.08 33.17
C LYS B 284 -14.45 3.19 33.18
N GLU B 285 -15.33 3.42 34.15
CA GLU B 285 -16.46 2.53 34.41
C GLU B 285 -17.50 2.52 33.28
N ALA B 286 -17.64 3.65 32.59
CA ALA B 286 -18.64 3.77 31.54
C ALA B 286 -18.07 4.42 30.28
N GLY B 287 -16.76 4.31 30.11
CA GLY B 287 -16.08 4.91 28.97
C GLY B 287 -14.60 5.05 29.21
N TRP B 288 -14.05 6.20 28.84
CA TRP B 288 -12.63 6.45 29.02
C TRP B 288 -12.33 7.95 29.11
N ILE B 289 -11.18 8.29 29.69
CA ILE B 289 -10.80 9.68 29.89
C ILE B 289 -9.51 10.00 29.14
N TRP B 290 -9.50 11.11 28.41
CA TRP B 290 -8.29 11.54 27.73
C TRP B 290 -7.51 12.53 28.58
N THR B 291 -6.20 12.56 28.40
CA THR B 291 -5.34 13.51 29.08
C THR B 291 -4.35 14.10 28.09
N ILE B 292 -4.56 15.35 27.71
CA ILE B 292 -3.74 16.00 26.68
C ILE B 292 -2.89 17.10 27.29
N PRO B 293 -1.58 16.86 27.39
CA PRO B 293 -0.64 17.82 27.99
C PRO B 293 -0.30 18.99 27.06
N LEU B 294 -0.53 20.20 27.56
CA LEU B 294 -0.20 21.42 26.80
C LEU B 294 0.82 22.24 27.59
N ILE B 295 1.17 23.40 27.04
CA ILE B 295 2.08 24.30 27.74
C ILE B 295 1.32 25.07 28.81
N GLY B 296 1.45 24.62 30.05
CA GLY B 296 0.83 25.31 31.18
C GLY B 296 -0.52 24.77 31.61
N ARG B 297 -1.01 23.76 30.91
CA ARG B 297 -2.31 23.18 31.22
C ARG B 297 -2.48 21.79 30.60
N ILE B 298 -3.50 21.07 31.05
CA ILE B 298 -3.84 19.80 30.43
C ILE B 298 -5.26 19.86 29.89
N GLY B 299 -5.46 19.28 28.72
CA GLY B 299 -6.79 19.11 28.16
C GLY B 299 -7.29 17.72 28.52
N THR B 300 -8.39 17.64 29.24
CA THR B 300 -8.90 16.35 29.71
C THR B 300 -10.42 16.28 29.65
N GLY B 301 -10.93 15.11 29.28
CA GLY B 301 -12.36 14.91 29.15
C GLY B 301 -12.79 13.47 29.34
N TYR B 302 -14.08 13.27 29.56
CA TYR B 302 -14.63 11.93 29.80
C TYR B 302 -15.59 11.55 28.67
N VAL B 303 -15.17 10.64 27.81
CA VAL B 303 -16.02 10.10 26.76
C VAL B 303 -16.80 8.92 27.32
N TYR B 304 -18.12 8.94 27.17
CA TYR B 304 -18.96 7.92 27.79
C TYR B 304 -20.27 7.70 27.04
N ALA B 305 -21.08 6.77 27.53
CA ALA B 305 -22.40 6.50 26.97
C ALA B 305 -23.48 6.77 28.03
N LYS B 306 -24.58 7.38 27.59
CA LYS B 306 -25.62 7.85 28.50
C LYS B 306 -26.27 6.76 29.34
N ASP B 307 -26.47 5.59 28.73
CA ASP B 307 -27.21 4.51 29.39
C ASP B 307 -26.45 3.94 30.59
N TYR B 308 -25.18 4.30 30.71
CA TYR B 308 -24.33 3.78 31.77
C TYR B 308 -23.89 4.88 32.72
N CYS B 309 -24.07 6.13 32.31
CA CYS B 309 -23.60 7.26 33.10
C CYS B 309 -24.33 8.55 32.72
N SER B 310 -24.72 9.32 33.73
CA SER B 310 -25.37 10.61 33.50
C SER B 310 -24.32 11.71 33.42
N PRO B 311 -24.64 12.81 32.73
CA PRO B 311 -23.71 13.94 32.60
C PRO B 311 -23.22 14.50 33.93
N GLU B 312 -24.04 14.39 34.98
CA GLU B 312 -23.68 14.94 36.27
C GLU B 312 -22.63 14.10 36.98
N GLU B 313 -22.74 12.78 36.91
CA GLU B 313 -21.74 11.91 37.53
C GLU B 313 -20.56 11.68 36.60
N ALA B 314 -20.76 11.97 35.32
CA ALA B 314 -19.67 11.97 34.37
C ALA B 314 -18.74 13.14 34.68
N GLU B 315 -19.35 14.24 35.12
CA GLU B 315 -18.59 15.40 35.56
C GLU B 315 -17.90 15.09 36.88
N ARG B 316 -18.63 14.43 37.77
CA ARG B 316 -18.08 14.06 39.08
CA ARG B 316 -18.08 14.05 39.08
C ARG B 316 -16.84 13.20 38.93
N THR B 317 -16.93 12.16 38.10
CA THR B 317 -15.83 11.24 37.88
C THR B 317 -14.59 11.96 37.34
N LEU B 318 -14.81 12.87 36.39
CA LEU B 318 -13.71 13.58 35.75
C LEU B 318 -12.96 14.48 36.72
N ARG B 319 -13.68 15.20 37.57
CA ARG B 319 -13.07 16.10 38.53
C ARG B 319 -12.26 15.34 39.57
N GLU B 320 -12.81 14.21 40.03
CA GLU B 320 -12.12 13.36 41.00
C GLU B 320 -10.87 12.75 40.37
N PHE B 321 -10.92 12.54 39.05
CA PHE B 321 -9.80 11.95 38.34
C PHE B 321 -8.63 12.93 38.22
N VAL B 322 -8.94 14.20 38.00
CA VAL B 322 -7.92 15.22 37.86
C VAL B 322 -7.48 15.73 39.23
N GLY B 323 -8.45 15.94 40.11
CA GLY B 323 -8.15 16.37 41.47
C GLY B 323 -8.59 17.78 41.81
N PRO B 324 -8.13 18.30 42.95
CA PRO B 324 -8.46 19.63 43.48
C PRO B 324 -8.12 20.77 42.53
N GLU B 325 -7.19 20.55 41.61
CA GLU B 325 -6.80 21.57 40.65
C GLU B 325 -7.90 21.81 39.62
N ALA B 326 -8.91 20.93 39.61
CA ALA B 326 -10.01 21.03 38.66
C ALA B 326 -11.35 21.07 39.37
N ALA B 327 -11.40 21.73 40.51
CA ALA B 327 -12.62 21.78 41.31
C ALA B 327 -13.53 22.93 40.90
N ASP B 328 -12.94 24.01 40.39
CA ASP B 328 -13.69 25.22 40.09
C ASP B 328 -13.76 25.54 38.60
N VAL B 329 -12.94 24.86 37.80
CA VAL B 329 -12.88 25.12 36.36
C VAL B 329 -14.19 24.71 35.68
N GLU B 330 -14.62 25.49 34.71
CA GLU B 330 -15.89 25.26 34.02
C GLU B 330 -15.87 23.96 33.21
N ALA B 331 -17.02 23.31 33.11
CA ALA B 331 -17.13 22.03 32.41
C ALA B 331 -17.90 22.16 31.10
N ASN B 332 -17.31 21.61 30.04
CA ASN B 332 -17.93 21.65 28.72
C ASN B 332 -18.60 20.32 28.38
N HIS B 333 -19.93 20.31 28.40
CA HIS B 333 -20.69 19.12 28.07
C HIS B 333 -21.06 19.10 26.59
N ILE B 334 -20.85 17.96 25.95
CA ILE B 334 -21.07 17.84 24.51
C ILE B 334 -21.90 16.61 24.16
N ARG B 335 -22.92 16.80 23.32
CA ARG B 335 -23.65 15.69 22.71
C ARG B 335 -23.02 15.38 21.36
N MET B 336 -22.35 14.23 21.25
CA MET B 336 -21.63 13.89 20.04
C MET B 336 -22.52 13.22 19.00
N ARG B 337 -22.34 13.59 17.74
CA ARG B 337 -23.02 12.93 16.63
C ARG B 337 -22.06 11.93 16.00
N ILE B 338 -22.27 10.65 16.25
CA ILE B 338 -21.32 9.62 15.85
C ILE B 338 -21.75 8.94 14.56
N GLY B 339 -20.88 9.01 13.55
CA GLY B 339 -21.16 8.44 12.25
C GLY B 339 -20.64 9.31 11.13
N ARG B 340 -21.25 9.20 9.95
CA ARG B 340 -20.87 10.03 8.82
C ARG B 340 -22.06 10.32 7.92
N SER B 341 -21.95 11.38 7.14
CA SER B 341 -22.97 11.70 6.14
C SER B 341 -22.92 10.66 5.04
N GLU B 342 -24.08 10.36 4.45
CA GLU B 342 -24.18 9.38 3.37
C GLU B 342 -23.22 9.73 2.24
N GLN B 343 -23.12 11.01 1.96
CA GLN B 343 -22.11 11.55 1.05
C GLN B 343 -21.66 12.90 1.59
N SER B 344 -20.39 13.22 1.41
CA SER B 344 -19.85 14.47 1.94
C SER B 344 -19.81 15.57 0.89
N TRP B 345 -20.02 15.18 -0.37
CA TRP B 345 -20.06 16.14 -1.46
C TRP B 345 -21.31 15.92 -2.31
N LYS B 346 -22.23 16.87 -2.26
CA LYS B 346 -23.42 16.84 -3.09
C LYS B 346 -23.53 18.14 -3.87
N ASN B 347 -23.71 18.01 -5.19
CA ASN B 347 -23.78 19.14 -6.10
C ASN B 347 -22.55 20.03 -5.98
N ASN B 348 -22.73 21.24 -5.44
CA ASN B 348 -21.62 22.16 -5.26
C ASN B 348 -21.35 22.44 -3.80
N CYS B 349 -21.61 21.45 -2.95
CA CYS B 349 -21.40 21.59 -1.52
C CYS B 349 -20.62 20.41 -0.95
N VAL B 350 -19.48 20.71 -0.33
CA VAL B 350 -18.66 19.69 0.31
C VAL B 350 -18.51 20.01 1.80
N ALA B 351 -18.85 19.05 2.64
CA ALA B 351 -18.77 19.23 4.08
C ALA B 351 -17.43 18.74 4.61
N ILE B 352 -16.76 19.58 5.40
CA ILE B 352 -15.48 19.24 6.00
C ILE B 352 -15.53 19.52 7.50
N GLY B 353 -15.07 18.55 8.29
CA GLY B 353 -15.07 18.67 9.73
C GLY B 353 -16.13 17.83 10.40
N LEU B 354 -16.74 18.36 11.45
CA LEU B 354 -17.79 17.65 12.18
C LEU B 354 -19.06 17.54 11.33
N SER B 355 -19.16 18.36 10.31
CA SER B 355 -20.30 18.34 9.41
C SER B 355 -20.26 17.13 8.48
N SER B 356 -19.06 16.62 8.25
CA SER B 356 -18.87 15.44 7.41
C SER B 356 -19.13 14.17 8.22
N GLY B 357 -18.58 14.11 9.43
CA GLY B 357 -18.74 12.96 10.29
C GLY B 357 -17.79 12.99 11.47
N PHE B 358 -18.02 12.11 12.45
CA PHE B 358 -17.19 12.08 13.64
C PHE B 358 -17.27 10.75 14.38
N VAL B 359 -16.13 10.33 14.93
CA VAL B 359 -16.06 9.19 15.82
C VAL B 359 -15.32 9.62 17.08
N GLU B 360 -15.53 8.89 18.17
CA GLU B 360 -14.92 9.27 19.46
C GLU B 360 -13.40 9.38 19.34
N PRO B 361 -12.82 10.38 20.05
CA PRO B 361 -11.40 10.71 19.90
C PRO B 361 -10.44 9.73 20.57
N LEU B 362 -10.63 8.44 20.35
CA LEU B 362 -9.76 7.42 20.93
C LEU B 362 -8.36 7.47 20.33
N GLU B 363 -8.28 7.78 19.04
CA GLU B 363 -7.01 7.80 18.34
C GLU B 363 -6.68 9.18 17.78
N SER B 364 -7.46 10.18 18.18
CA SER B 364 -7.28 11.56 17.73
C SER B 364 -7.28 11.65 16.21
N THR B 365 -8.43 11.34 15.61
CA THR B 365 -8.54 11.28 14.15
C THR B 365 -9.40 12.41 13.59
N GLY B 366 -9.89 13.28 14.46
CA GLY B 366 -10.76 14.37 14.05
C GLY B 366 -10.12 15.34 13.07
N ILE B 367 -8.97 15.89 13.44
CA ILE B 367 -8.25 16.82 12.59
C ILE B 367 -7.66 16.07 11.38
N PHE B 368 -7.34 14.81 11.59
CA PHE B 368 -6.88 13.93 10.51
C PHE B 368 -7.93 13.83 9.41
N PHE B 369 -9.19 13.72 9.81
CA PHE B 369 -10.30 13.68 8.86
C PHE B 369 -10.37 14.97 8.05
N ILE B 370 -10.11 16.09 8.71
CA ILE B 370 -10.14 17.39 8.07
C ILE B 370 -8.96 17.52 7.10
N HIS B 371 -7.77 17.18 7.58
CA HIS B 371 -6.55 17.24 6.78
C HIS B 371 -6.67 16.36 5.54
N HIS B 372 -7.25 15.18 5.71
CA HIS B 372 -7.45 14.27 4.59
C HIS B 372 -8.46 14.84 3.59
N ALA B 373 -9.53 15.43 4.13
CA ALA B 373 -10.61 15.95 3.29
C ALA B 373 -10.16 17.12 2.42
N ILE B 374 -9.37 18.02 2.99
CA ILE B 374 -8.93 19.20 2.26
C ILE B 374 -7.86 18.82 1.23
N GLU B 375 -7.14 17.73 1.50
CA GLU B 375 -6.16 17.23 0.54
C GLU B 375 -6.88 16.57 -0.62
N GLN B 376 -7.97 15.87 -0.32
CA GLN B 376 -8.79 15.23 -1.34
C GLN B 376 -9.56 16.27 -2.14
N LEU B 377 -9.83 17.41 -1.50
CA LEU B 377 -10.55 18.49 -2.15
C LEU B 377 -9.69 19.14 -3.23
N VAL B 378 -8.41 19.33 -2.93
CA VAL B 378 -7.47 19.87 -3.89
C VAL B 378 -7.28 18.87 -5.03
N LYS B 379 -7.24 17.59 -4.69
CA LYS B 379 -7.08 16.53 -5.69
C LYS B 379 -8.28 16.45 -6.62
N HIS B 380 -9.48 16.50 -6.04
CA HIS B 380 -10.71 16.38 -6.81
C HIS B 380 -11.38 17.74 -7.04
N PHE B 381 -10.56 18.78 -7.19
CA PHE B 381 -11.10 20.13 -7.30
C PHE B 381 -11.85 20.34 -8.61
N PRO B 382 -13.08 20.89 -8.52
CA PRO B 382 -13.93 21.12 -9.68
C PRO B 382 -13.64 22.43 -10.41
N ALA B 383 -12.40 22.60 -10.87
CA ALA B 383 -12.06 23.73 -11.72
C ALA B 383 -12.61 23.47 -13.12
N GLY B 384 -12.82 22.20 -13.42
CA GLY B 384 -13.50 21.79 -14.64
C GLY B 384 -14.99 21.68 -14.37
N ASP B 385 -15.80 21.71 -15.42
CA ASP B 385 -17.25 21.79 -15.25
C ASP B 385 -17.86 20.52 -14.68
N TRP B 386 -17.54 20.23 -13.42
CA TRP B 386 -18.24 19.24 -12.61
C TRP B 386 -18.46 17.88 -13.27
N HIS B 387 -17.41 17.07 -13.33
CA HIS B 387 -17.56 15.69 -13.77
C HIS B 387 -17.96 14.85 -12.56
N PRO B 388 -19.04 14.07 -12.68
CA PRO B 388 -19.57 13.26 -11.59
C PRO B 388 -18.54 12.26 -11.04
N GLN B 389 -17.58 11.87 -11.86
CA GLN B 389 -16.55 10.93 -11.44
C GLN B 389 -15.61 11.54 -10.41
N LEU B 390 -15.37 12.84 -10.53
CA LEU B 390 -14.51 13.54 -9.57
C LEU B 390 -15.17 13.56 -8.19
N ARG B 391 -16.47 13.84 -8.18
CA ARG B 391 -17.23 13.90 -6.93
C ARG B 391 -17.37 12.49 -6.33
N ALA B 392 -17.53 11.51 -7.20
CA ALA B 392 -17.66 10.12 -6.77
C ALA B 392 -16.37 9.63 -6.11
N GLY B 393 -15.24 10.08 -6.65
CA GLY B 393 -13.94 9.71 -6.11
C GLY B 393 -13.67 10.31 -4.75
N TYR B 394 -14.09 11.56 -4.56
CA TYR B 394 -13.91 12.25 -3.29
C TYR B 394 -14.74 11.58 -2.19
N ASN B 395 -16.00 11.31 -2.50
CA ASN B 395 -16.92 10.72 -1.54
C ASN B 395 -16.48 9.32 -1.13
N SER B 396 -15.85 8.60 -2.05
CA SER B 396 -15.35 7.26 -1.76
C SER B 396 -14.14 7.34 -0.82
N ALA B 397 -13.24 8.27 -1.10
CA ALA B 397 -12.05 8.45 -0.28
C ALA B 397 -12.43 8.86 1.14
N VAL B 398 -13.38 9.79 1.25
CA VAL B 398 -13.81 10.30 2.54
C VAL B 398 -14.57 9.24 3.34
N ALA B 399 -15.46 8.52 2.68
CA ALA B 399 -16.29 7.53 3.35
C ALA B 399 -15.49 6.33 3.85
N ASN B 400 -14.50 5.92 3.07
CA ASN B 400 -13.71 4.73 3.43
C ASN B 400 -12.75 5.01 4.58
N VAL B 401 -12.27 6.24 4.66
CA VAL B 401 -11.42 6.65 5.78
C VAL B 401 -12.23 6.57 7.07
N MET B 402 -13.49 6.98 6.97
CA MET B 402 -14.41 6.94 8.11
C MET B 402 -14.75 5.51 8.49
N ASP B 403 -15.07 4.70 7.49
CA ASP B 403 -15.45 3.31 7.72
C ASP B 403 -14.27 2.48 8.24
N GLY B 404 -13.07 2.80 7.77
CA GLY B 404 -11.88 2.09 8.19
C GLY B 404 -11.49 2.40 9.63
N VAL B 405 -11.54 3.67 9.98
CA VAL B 405 -11.23 4.11 11.34
C VAL B 405 -12.26 3.58 12.32
N ARG B 406 -13.53 3.62 11.91
CA ARG B 406 -14.63 3.12 12.73
C ARG B 406 -14.42 1.66 13.09
N GLU B 407 -14.00 0.87 12.11
CA GLU B 407 -13.71 -0.54 12.31
C GLU B 407 -12.54 -0.71 13.29
N PHE B 408 -11.59 0.21 13.21
CA PHE B 408 -10.39 0.17 14.04
C PHE B 408 -10.70 0.52 15.49
N LEU B 409 -11.71 1.36 15.69
CA LEU B 409 -12.07 1.79 17.04
C LEU B 409 -12.91 0.74 17.76
N VAL B 410 -13.73 0.01 17.00
CA VAL B 410 -14.53 -1.07 17.57
C VAL B 410 -13.61 -2.17 18.08
N LEU B 411 -12.47 -2.33 17.41
CA LEU B 411 -11.48 -3.33 17.79
C LEU B 411 -10.92 -3.06 19.18
N HIS B 412 -10.88 -1.78 19.58
CA HIS B 412 -10.42 -1.40 20.90
C HIS B 412 -11.28 -2.00 21.99
N TYR B 413 -12.59 -1.99 21.78
CA TYR B 413 -13.54 -2.50 22.76
C TYR B 413 -13.72 -4.01 22.67
N LEU B 414 -13.61 -4.54 21.45
CA LEU B 414 -13.69 -5.99 21.26
C LEU B 414 -12.43 -6.66 21.80
N GLY B 415 -11.35 -5.89 21.88
CA GLY B 415 -10.08 -6.41 22.35
C GLY B 415 -9.80 -6.14 23.82
N ALA B 416 -10.55 -5.21 24.40
CA ALA B 416 -10.34 -4.82 25.80
C ALA B 416 -10.72 -5.94 26.75
N ALA B 417 -9.81 -6.28 27.65
CA ALA B 417 -10.01 -7.38 28.58
C ALA B 417 -10.73 -6.94 29.85
N ARG B 418 -10.85 -5.64 30.04
CA ARG B 418 -11.58 -5.10 31.19
C ARG B 418 -13.03 -5.57 31.15
N ASN B 419 -13.50 -6.14 32.26
CA ASN B 419 -14.80 -6.78 32.28
C ASN B 419 -15.51 -6.60 33.62
N ASP B 420 -15.26 -5.47 34.27
CA ASP B 420 -15.77 -5.25 35.63
C ASP B 420 -17.20 -4.71 35.66
N THR B 421 -17.47 -3.67 34.86
CA THR B 421 -18.77 -3.02 34.90
C THR B 421 -19.70 -3.48 33.78
N ARG B 422 -20.95 -3.05 33.85
CA ARG B 422 -21.96 -3.43 32.87
C ARG B 422 -21.60 -2.90 31.48
N TYR B 423 -20.95 -1.74 31.45
CA TYR B 423 -20.51 -1.12 30.20
C TYR B 423 -19.53 -2.01 29.45
N TRP B 424 -18.57 -2.57 30.18
CA TRP B 424 -17.50 -3.34 29.57
C TRP B 424 -17.91 -4.76 29.22
N LYS B 425 -18.95 -5.26 29.89
CA LYS B 425 -19.48 -6.58 29.58
C LYS B 425 -20.34 -6.53 28.32
N ASP B 426 -20.91 -5.36 28.05
CA ASP B 426 -21.76 -5.17 26.89
C ASP B 426 -20.96 -5.00 25.60
N THR B 427 -19.67 -4.72 25.75
CA THR B 427 -18.79 -4.57 24.59
C THR B 427 -18.55 -5.90 23.88
N LYS B 428 -18.91 -6.99 24.56
CA LYS B 428 -18.70 -8.33 24.02
C LYS B 428 -20.02 -9.00 23.62
N THR B 429 -21.12 -8.26 23.78
CA THR B 429 -22.43 -8.78 23.41
C THR B 429 -23.09 -7.87 22.38
N ARG B 430 -22.48 -6.73 22.13
CA ARG B 430 -23.02 -5.73 21.20
C ARG B 430 -22.89 -6.20 19.75
N ALA B 431 -23.52 -5.48 18.84
CA ALA B 431 -23.47 -5.80 17.43
C ALA B 431 -22.07 -5.57 16.86
N VAL B 432 -21.63 -6.48 16.00
CA VAL B 432 -20.33 -6.38 15.36
C VAL B 432 -20.47 -6.61 13.87
N PRO B 433 -19.92 -5.70 13.05
CA PRO B 433 -19.93 -5.82 11.59
C PRO B 433 -19.41 -7.17 11.12
N ASP B 434 -20.11 -7.81 10.19
CA ASP B 434 -19.73 -9.12 9.70
C ASP B 434 -18.33 -9.13 9.11
N ALA B 435 -17.94 -8.01 8.51
CA ALA B 435 -16.60 -7.87 7.93
C ALA B 435 -15.54 -7.94 9.02
N LEU B 436 -15.78 -7.21 10.11
CA LEU B 436 -14.85 -7.18 11.24
C LEU B 436 -14.71 -8.56 11.88
N ALA B 437 -15.86 -9.18 12.16
CA ALA B 437 -15.89 -10.47 12.84
C ALA B 437 -15.09 -11.54 12.10
N GLU B 438 -15.04 -11.44 10.79
CA GLU B 438 -14.37 -12.44 9.97
C GLU B 438 -12.85 -12.24 9.93
N ARG B 439 -12.42 -10.99 9.77
CA ARG B 439 -10.99 -10.71 9.72
C ARG B 439 -10.35 -10.78 11.11
N ILE B 440 -11.18 -10.77 12.14
CA ILE B 440 -10.70 -11.01 13.50
C ILE B 440 -10.30 -12.47 13.63
N GLU B 441 -11.11 -13.35 13.05
CA GLU B 441 -10.82 -14.78 13.07
C GLU B 441 -9.55 -15.11 12.29
N ARG B 442 -9.22 -14.25 11.34
CA ARG B 442 -7.97 -14.40 10.60
C ARG B 442 -6.80 -13.92 11.45
N TRP B 443 -6.98 -12.76 12.08
CA TRP B 443 -5.94 -12.14 12.90
C TRP B 443 -5.48 -13.05 14.03
N LYS B 444 -6.39 -13.86 14.55
CA LYS B 444 -6.07 -14.79 15.62
C LYS B 444 -5.02 -15.81 15.19
N VAL B 445 -4.92 -16.04 13.89
CA VAL B 445 -3.99 -17.02 13.34
C VAL B 445 -2.98 -16.37 12.41
N GLN B 446 -3.46 -15.49 11.53
CA GLN B 446 -2.65 -14.95 10.45
C GLN B 446 -1.88 -13.68 10.86
N LEU B 447 -2.38 -12.99 11.87
CA LEU B 447 -1.86 -11.68 12.32
C LEU B 447 -2.09 -10.61 11.26
N PRO B 448 -2.36 -9.36 11.70
CA PRO B 448 -2.65 -8.25 10.79
C PRO B 448 -1.54 -7.96 9.78
N ASP B 449 -1.86 -8.06 8.49
CA ASP B 449 -0.94 -7.63 7.44
C ASP B 449 -1.66 -6.73 6.45
N SER B 450 -0.99 -6.41 5.35
CA SER B 450 -1.55 -5.48 4.37
C SER B 450 -2.72 -6.08 3.59
N GLU B 451 -2.93 -7.38 3.73
CA GLU B 451 -3.92 -8.07 2.91
C GLU B 451 -5.14 -8.55 3.71
N ASN B 452 -5.11 -8.42 5.03
CA ASN B 452 -6.24 -8.87 5.85
C ASN B 452 -6.84 -7.76 6.69
N VAL B 453 -6.44 -6.52 6.42
CA VAL B 453 -7.06 -5.36 7.05
C VAL B 453 -7.99 -4.69 6.06
N PHE B 454 -8.61 -3.58 6.48
CA PHE B 454 -9.48 -2.80 5.61
C PHE B 454 -8.69 -2.39 4.36
N PRO B 455 -9.08 -2.91 3.19
CA PRO B 455 -8.31 -2.83 1.95
C PRO B 455 -8.14 -1.43 1.37
N TYR B 456 -8.85 -0.45 1.90
CA TYR B 456 -8.73 0.92 1.40
C TYR B 456 -8.09 1.83 2.44
N TYR B 457 -7.55 2.95 2.00
CA TYR B 457 -6.82 3.87 2.87
C TYR B 457 -7.71 4.42 3.98
N HIS B 458 -7.25 4.31 5.21
CA HIS B 458 -7.96 4.85 6.36
C HIS B 458 -6.98 5.29 7.42
N GLY B 459 -5.76 5.62 7.00
CA GLY B 459 -4.76 6.18 7.88
C GLY B 459 -4.05 5.20 8.79
N LEU B 460 -4.62 4.00 8.95
CA LEU B 460 -4.06 3.01 9.87
C LEU B 460 -3.35 1.88 9.14
N PRO B 461 -2.05 1.73 9.40
CA PRO B 461 -1.22 0.63 8.89
C PRO B 461 -1.42 -0.65 9.69
N PRO B 462 -1.02 -1.81 9.13
CA PRO B 462 -1.17 -3.10 9.80
C PRO B 462 -0.59 -3.18 11.22
N TYR B 463 0.47 -2.44 11.52
CA TYR B 463 1.11 -2.56 12.83
C TYR B 463 0.29 -1.86 13.92
N SER B 464 -0.60 -0.96 13.51
CA SER B 464 -1.49 -0.30 14.46
C SER B 464 -2.50 -1.30 15.00
N TYR B 465 -2.98 -2.17 14.13
CA TYR B 465 -3.92 -3.22 14.52
C TYR B 465 -3.23 -4.22 15.46
N MET B 466 -1.95 -4.45 15.21
CA MET B 466 -1.15 -5.35 16.04
CA MET B 466 -1.18 -5.37 16.05
C MET B 466 -1.09 -4.87 17.49
N ALA B 467 -0.77 -3.59 17.65
CA ALA B 467 -0.61 -2.97 18.97
C ALA B 467 -1.88 -3.05 19.79
N ILE B 468 -3.02 -2.78 19.16
CA ILE B 468 -4.31 -2.79 19.85
C ILE B 468 -4.65 -4.20 20.31
N LEU B 469 -4.48 -5.17 19.43
CA LEU B 469 -4.75 -6.57 19.75
C LEU B 469 -3.84 -7.06 20.88
N LEU B 470 -2.54 -6.82 20.73
CA LEU B 470 -1.55 -7.28 21.70
C LEU B 470 -1.71 -6.60 23.05
N GLY B 471 -2.05 -5.32 23.03
CA GLY B 471 -2.14 -4.54 24.25
C GLY B 471 -3.43 -4.72 25.05
N THR B 472 -4.56 -4.73 24.36
CA THR B 472 -5.85 -4.79 25.02
C THR B 472 -6.14 -6.19 25.59
N GLY B 473 -5.65 -7.21 24.90
CA GLY B 473 -5.53 -8.54 25.47
C GLY B 473 -6.70 -9.48 25.66
N ALA B 474 -7.86 -9.15 25.09
CA ALA B 474 -8.99 -10.07 25.17
C ALA B 474 -9.01 -11.02 23.98
N ILE B 475 -8.23 -10.68 22.96
CA ILE B 475 -8.14 -11.50 21.75
C ILE B 475 -6.75 -12.12 21.64
N GLY B 476 -6.67 -13.43 21.84
CA GLY B 476 -5.40 -14.14 21.77
C GLY B 476 -4.88 -14.34 20.37
N LEU B 477 -3.56 -14.31 20.22
CA LEU B 477 -2.92 -14.46 18.92
C LEU B 477 -1.86 -15.56 18.93
N ARG B 478 -1.58 -16.10 17.74
CA ARG B 478 -0.51 -17.08 17.60
C ARG B 478 0.63 -16.50 16.75
N PRO B 479 1.88 -16.88 17.05
CA PRO B 479 2.97 -16.58 16.13
C PRO B 479 2.86 -17.46 14.89
N SER B 480 3.46 -17.03 13.78
CA SER B 480 3.48 -17.85 12.58
C SER B 480 4.26 -19.13 12.85
N PRO B 481 3.67 -20.29 12.48
CA PRO B 481 4.27 -21.60 12.72
C PRO B 481 5.67 -21.74 12.12
N ALA B 482 5.98 -20.92 11.12
CA ALA B 482 7.28 -20.97 10.46
C ALA B 482 8.39 -20.50 11.40
N LEU B 483 8.06 -19.60 12.32
CA LEU B 483 9.05 -19.05 13.24
C LEU B 483 9.54 -20.09 14.24
N ALA B 484 8.80 -21.18 14.36
CA ALA B 484 9.21 -22.28 15.23
C ALA B 484 10.33 -23.09 14.58
N LEU B 485 10.55 -22.84 13.29
CA LEU B 485 11.58 -23.54 12.54
C LEU B 485 12.66 -22.57 12.05
N ALA B 486 12.48 -21.29 12.34
CA ALA B 486 13.40 -20.27 11.86
C ALA B 486 14.56 -20.06 12.83
N ASP B 487 15.65 -19.50 12.31
CA ASP B 487 16.80 -19.15 13.13
C ASP B 487 16.54 -17.83 13.86
N PRO B 488 16.43 -17.88 15.19
CA PRO B 488 16.08 -16.70 15.99
C PRO B 488 17.17 -15.63 16.03
N ALA B 489 18.39 -16.01 15.66
CA ALA B 489 19.57 -15.14 15.80
C ALA B 489 19.36 -13.72 15.28
N ALA B 490 18.75 -13.59 14.10
CA ALA B 490 18.57 -12.28 13.49
C ALA B 490 17.52 -11.46 14.24
N ALA B 491 16.58 -12.13 14.88
CA ALA B 491 15.51 -11.45 15.62
C ALA B 491 15.99 -11.01 17.00
N GLU B 492 16.71 -11.90 17.69
CA GLU B 492 17.26 -11.59 19.01
C GLU B 492 18.24 -10.43 18.91
N LYS B 493 18.89 -10.31 17.76
CA LYS B 493 19.80 -9.22 17.49
C LYS B 493 19.06 -7.89 17.35
N GLU B 494 17.89 -7.94 16.75
CA GLU B 494 17.11 -6.73 16.49
C GLU B 494 16.46 -6.20 17.76
N PHE B 495 16.01 -7.11 18.62
CA PHE B 495 15.45 -6.73 19.91
C PHE B 495 16.50 -6.03 20.75
N THR B 496 17.71 -6.58 20.74
CA THR B 496 18.83 -6.01 21.49
C THR B 496 19.20 -4.64 20.94
N ALA B 497 19.14 -4.50 19.62
CA ALA B 497 19.46 -3.24 18.96
C ALA B 497 18.47 -2.15 19.36
N ILE B 498 17.21 -2.53 19.57
CA ILE B 498 16.18 -1.59 19.95
C ILE B 498 16.33 -1.19 21.40
N ARG B 499 16.60 -2.17 22.27
CA ARG B 499 16.75 -1.91 23.69
C ARG B 499 17.96 -1.02 23.94
N ASP B 500 19.03 -1.24 23.16
CA ASP B 500 20.26 -0.46 23.31
C ASP B 500 20.08 0.99 22.86
N ARG B 501 19.38 1.17 21.73
CA ARG B 501 19.10 2.51 21.23
C ARG B 501 18.19 3.25 22.21
N ALA B 502 17.24 2.53 22.79
CA ALA B 502 16.32 3.11 23.75
C ALA B 502 17.05 3.50 25.04
N ARG B 503 17.89 2.60 25.52
CA ARG B 503 18.69 2.83 26.71
C ARG B 503 19.56 4.08 26.55
N PHE B 504 20.12 4.25 25.36
CA PHE B 504 20.96 5.42 25.07
C PHE B 504 20.13 6.70 25.01
N LEU B 505 19.02 6.64 24.28
CA LEU B 505 18.17 7.81 24.08
C LEU B 505 17.58 8.32 25.40
N VAL B 506 17.15 7.39 26.25
CA VAL B 506 16.58 7.75 27.54
C VAL B 506 17.62 8.45 28.42
N ASP B 507 18.87 8.04 28.29
CA ASP B 507 19.95 8.57 29.13
C ASP B 507 20.53 9.89 28.61
N THR B 508 20.22 10.23 27.37
CA THR B 508 20.80 11.43 26.76
C THR B 508 19.76 12.51 26.44
N LEU B 509 18.53 12.10 26.16
CA LEU B 509 17.47 13.05 25.85
C LEU B 509 16.99 13.77 27.10
N PRO B 510 16.60 15.04 26.95
CA PRO B 510 16.06 15.83 28.06
C PRO B 510 14.56 15.58 28.24
N SER B 511 13.99 16.12 29.32
CA SER B 511 12.55 16.09 29.50
C SER B 511 11.90 16.95 28.42
N GLN B 512 10.64 16.70 28.13
CA GLN B 512 9.92 17.53 27.17
C GLN B 512 9.74 18.93 27.75
N TYR B 513 9.64 19.01 29.07
CA TYR B 513 9.51 20.29 29.76
C TYR B 513 10.80 21.09 29.61
N GLU B 514 11.94 20.44 29.83
CA GLU B 514 13.23 21.12 29.72
C GLU B 514 13.44 21.70 28.32
N TYR B 515 12.91 21.01 27.33
CA TYR B 515 13.03 21.43 25.94
C TYR B 515 12.36 22.78 25.71
N PHE B 516 11.09 22.88 26.07
CA PHE B 516 10.33 24.10 25.84
C PHE B 516 10.73 25.20 26.82
N ALA B 517 11.24 24.81 27.99
CA ALA B 517 11.73 25.77 28.97
C ALA B 517 12.98 26.46 28.45
N ALA B 518 13.72 25.75 27.60
CA ALA B 518 14.93 26.30 26.99
C ALA B 518 14.57 27.21 25.81
N MET B 519 13.59 26.78 25.02
CA MET B 519 13.16 27.54 23.85
C MET B 519 11.84 28.26 24.14
#